data_6G5W
#
_entry.id   6G5W
#
_cell.length_a   99.362
_cell.length_b   148.574
_cell.length_c   56.390
_cell.angle_alpha   90.000
_cell.angle_beta   90.000
_cell.angle_gamma   90.000
#
_symmetry.space_group_name_H-M   'P 21 21 2'
#
loop_
_entity.id
_entity.type
_entity.pdbx_description
1 polymer 'Lysine-specific demethylase 4A'
2 non-polymer 'ZINC ION'
3 non-polymer 'NICKEL (II) ION'
4 non-polymer 1,2-ETHANEDIOL
5 non-polymer 'CITRIC ACID'
6 non-polymer 'SODIUM ION'
7 non-polymer (4~{R})-5-methyl-4-phenyl-2-pyridin-2-yl-pyrazolidin-3-one
8 water water
#
_entity_poly.entity_id   1
_entity_poly.type   'polypeptide(L)'
_entity_poly.pdbx_seq_one_letter_code
;MASESETLNPSARIMTFYPTMEEFRNFSRYIAYIESQGAHRAGLAKVVPPKEWKPRASYDDIDDLVIPAPIQQLVTGQSG
LFTQYNIQKKAMTVREFRKIANSDKYCTPRYSEFEELERKYWKNLTFNPPIYGADVNGTLYEKHVDEWNIGRLRTILDLV
EKESGITIEGVNTPYLYFGMWKTSFAWHTEDMDLYSINYLHFGEPKSWYSVPPEHGKRLERLAKGFFPGSAQSCEAFLRH
KMTLISPLMLKKYGIPFDKVTQEAGEFMITFPYGYHAGFNHGFNCAESTNFATRRWIEYGKQAVLCSCRKDMVKISMDVF
VRKFQPERYKLWKAGKDNTVIDHTLPTPEAAEFLKESEL
;
_entity_poly.pdbx_strand_id   A,B
#
loop_
_chem_comp.id
_chem_comp.type
_chem_comp.name
_chem_comp.formula
CIT non-polymer 'CITRIC ACID' 'C6 H8 O7'
EDO non-polymer 1,2-ETHANEDIOL 'C2 H6 O2'
ENZ non-polymer (4~{R})-5-methyl-4-phenyl-2-pyridin-2-yl-pyrazolidin-3-one 'C15 H15 N3 O'
NA non-polymer 'SODIUM ION' 'Na 1'
NI non-polymer 'NICKEL (II) ION' 'Ni 2'
ZN non-polymer 'ZINC ION' 'Zn 2'
#
# COMPACT_ATOMS: atom_id res chain seq x y z
N GLU A 4 17.19 -17.67 7.48
CA GLU A 4 16.18 -17.77 6.43
C GLU A 4 16.04 -16.43 5.72
N SER A 5 15.59 -16.48 4.46
CA SER A 5 15.53 -15.26 3.66
C SER A 5 14.48 -14.30 4.20
N GLU A 6 13.30 -14.80 4.62
CA GLU A 6 12.28 -13.92 5.16
C GLU A 6 12.76 -13.17 6.40
N THR A 7 13.77 -13.71 7.10
CA THR A 7 14.27 -13.13 8.34
C THR A 7 15.21 -11.94 8.11
N LEU A 8 15.80 -11.82 6.93
CA LEU A 8 16.75 -10.75 6.66
C LEU A 8 16.07 -9.55 6.01
N ASN A 9 16.35 -8.36 6.55
CA ASN A 9 15.72 -7.12 6.11
C ASN A 9 14.22 -7.31 5.97
N PRO A 10 13.52 -7.72 7.03
CA PRO A 10 12.08 -7.96 6.93
C PRO A 10 11.27 -6.70 6.71
N SER A 11 11.80 -5.55 7.08
CA SER A 11 11.13 -4.29 6.80
C SER A 11 11.30 -3.86 5.35
N ALA A 12 12.20 -4.51 4.60
CA ALA A 12 12.41 -4.19 3.19
C ALA A 12 12.83 -2.75 3.00
N ARG A 13 13.71 -2.28 3.90
CA ARG A 13 14.15 -0.90 3.92
C ARG A 13 15.44 -0.75 3.13
N ILE A 14 15.66 0.42 2.56
CA ILE A 14 16.82 0.65 1.73
C ILE A 14 18.08 0.59 2.57
N MET A 15 18.98 -0.32 2.23
CA MET A 15 20.25 -0.47 2.92
C MET A 15 21.37 0.25 2.18
N THR A 16 22.37 0.65 2.96
CA THR A 16 23.59 1.29 2.48
C THR A 16 24.80 0.47 2.89
N PHE A 17 25.78 0.39 2.01
CA PHE A 17 26.96 -0.44 2.20
C PHE A 17 28.19 0.39 1.94
N TYR A 18 29.23 0.12 2.73
CA TYR A 18 30.52 0.79 2.63
C TYR A 18 31.61 -0.26 2.48
N PRO A 19 31.69 -0.88 1.30
CA PRO A 19 32.72 -1.92 1.10
C PRO A 19 34.12 -1.37 1.27
N THR A 20 34.99 -2.21 1.85
CA THR A 20 36.43 -2.00 1.72
C THR A 20 36.81 -2.18 0.25
N MET A 21 38.01 -1.68 -0.10
CA MET A 21 38.50 -1.83 -1.46
C MET A 21 38.63 -3.30 -1.86
N GLU A 22 38.92 -4.19 -0.91
CA GLU A 22 39.03 -5.61 -1.23
C GLU A 22 37.67 -6.19 -1.61
N GLU A 23 36.64 -5.89 -0.81
CA GLU A 23 35.29 -6.32 -1.15
C GLU A 23 34.81 -5.70 -2.47
N PHE A 24 35.31 -4.50 -2.79
CA PHE A 24 34.80 -3.73 -3.93
C PHE A 24 35.27 -4.30 -5.25
N ARG A 25 36.45 -4.93 -5.26
CA ARG A 25 37.10 -5.29 -6.53
C ARG A 25 36.29 -6.29 -7.37
N ASN A 26 35.49 -7.15 -6.75
CA ASN A 26 34.75 -8.18 -7.48
C ASN A 26 33.28 -7.80 -7.48
N PHE A 27 32.81 -7.30 -8.62
CA PHE A 27 31.49 -6.68 -8.65
C PHE A 27 30.38 -7.69 -8.38
N SER A 28 30.31 -8.76 -9.18
CA SER A 28 29.23 -9.73 -9.05
C SER A 28 29.21 -10.35 -7.66
N ARG A 29 30.37 -10.42 -7.06
CA ARG A 29 30.50 -11.03 -5.75
C ARG A 29 29.93 -10.14 -4.67
N TYR A 30 30.17 -8.82 -4.78
CA TYR A 30 29.64 -7.90 -3.80
C TYR A 30 28.13 -7.80 -3.92
N ILE A 31 27.61 -7.87 -5.15
CA ILE A 31 26.16 -7.92 -5.30
C ILE A 31 25.61 -9.15 -4.57
N ALA A 32 26.28 -10.29 -4.69
CA ALA A 32 25.80 -11.48 -3.98
C ALA A 32 25.87 -11.26 -2.48
N TYR A 33 26.95 -10.61 -2.00
CA TYR A 33 27.03 -10.33 -0.57
C TYR A 33 25.84 -9.47 -0.12
N ILE A 34 25.62 -8.33 -0.79
CA ILE A 34 24.58 -7.45 -0.28
C ILE A 34 23.24 -8.17 -0.32
N GLU A 35 23.04 -9.05 -1.29
CA GLU A 35 21.80 -9.84 -1.26
C GLU A 35 21.76 -10.78 -0.05
N SER A 36 22.91 -11.40 0.30
CA SER A 36 22.92 -12.25 1.50
C SER A 36 22.51 -11.45 2.73
N GLN A 37 22.67 -10.13 2.71
CA GLN A 37 22.20 -9.30 3.80
C GLN A 37 20.75 -8.83 3.64
N GLY A 38 20.07 -9.23 2.56
CA GLY A 38 18.69 -8.81 2.35
C GLY A 38 18.47 -7.52 1.59
N ALA A 39 19.52 -6.92 1.03
CA ALA A 39 19.40 -5.61 0.36
C ALA A 39 18.36 -5.60 -0.76
N HIS A 40 18.21 -6.72 -1.50
CA HIS A 40 17.30 -6.72 -2.63
C HIS A 40 15.85 -6.53 -2.21
N ARG A 41 15.50 -6.79 -0.96
CA ARG A 41 14.09 -6.76 -0.64
C ARG A 41 13.55 -5.34 -0.74
N ALA A 42 14.40 -4.33 -0.56
CA ALA A 42 13.96 -2.94 -0.73
C ALA A 42 13.79 -2.56 -2.20
N GLY A 43 14.47 -3.26 -3.11
CA GLY A 43 14.42 -2.94 -4.52
C GLY A 43 15.50 -2.00 -4.97
N LEU A 44 16.19 -1.37 -4.03
CA LEU A 44 17.18 -0.32 -4.23
C LEU A 44 18.13 -0.38 -3.04
N ALA A 45 19.43 -0.25 -3.34
CA ALA A 45 20.47 -0.23 -2.34
C ALA A 45 21.47 0.84 -2.71
N LYS A 46 22.10 1.44 -1.68
CA LYS A 46 23.22 2.35 -1.89
C LYS A 46 24.52 1.62 -1.58
N VAL A 47 25.52 1.88 -2.41
CA VAL A 47 26.88 1.41 -2.17
C VAL A 47 27.79 2.63 -2.24
N VAL A 48 28.47 2.92 -1.13
CA VAL A 48 29.45 4.00 -1.07
C VAL A 48 30.83 3.39 -1.32
N PRO A 49 31.51 3.74 -2.41
CA PRO A 49 32.79 3.12 -2.72
C PRO A 49 33.90 3.61 -1.80
N PRO A 50 35.01 2.86 -1.75
CA PRO A 50 36.16 3.31 -0.96
C PRO A 50 36.60 4.70 -1.36
N LYS A 51 36.90 5.53 -0.35
CA LYS A 51 37.21 6.93 -0.57
C LYS A 51 38.39 7.11 -1.50
N GLU A 52 39.30 6.13 -1.55
CA GLU A 52 40.46 6.19 -2.43
C GLU A 52 40.13 5.88 -3.88
N TRP A 53 38.91 5.43 -4.17
CA TRP A 53 38.57 4.96 -5.50
C TRP A 53 37.97 6.12 -6.30
N LYS A 54 38.43 6.26 -7.55
CA LYS A 54 37.90 7.27 -8.46
C LYS A 54 37.77 6.71 -9.87
N PRO A 55 36.61 6.88 -10.51
CA PRO A 55 36.45 6.33 -11.88
C PRO A 55 37.00 7.23 -12.97
N ARG A 56 37.37 8.46 -12.65
CA ARG A 56 37.86 9.42 -13.61
C ARG A 56 38.69 10.41 -12.82
N ALA A 57 39.70 10.95 -13.49
CA ALA A 57 40.63 11.85 -12.83
C ALA A 57 40.00 13.20 -12.55
N SER A 58 39.49 13.88 -13.58
CA SER A 58 38.71 15.08 -13.37
C SER A 58 37.64 15.18 -14.45
N TYR A 59 36.63 16.00 -14.18
CA TYR A 59 35.53 16.22 -15.12
C TYR A 59 35.57 17.64 -15.70
N ASP A 60 36.75 18.24 -15.77
CA ASP A 60 36.93 19.57 -16.32
C ASP A 60 37.19 19.54 -17.82
N ASP A 61 37.01 18.38 -18.45
CA ASP A 61 37.37 18.18 -19.86
C ASP A 61 36.21 17.66 -20.69
N ILE A 62 34.97 17.91 -20.27
CA ILE A 62 33.81 17.37 -20.99
C ILE A 62 32.86 18.48 -21.45
N ASP A 63 33.29 19.74 -21.46
CA ASP A 63 32.36 20.82 -21.74
C ASP A 63 31.83 20.75 -23.18
N ASP A 64 32.58 20.13 -24.09
CA ASP A 64 32.18 20.07 -25.49
C ASP A 64 31.53 18.75 -25.88
N LEU A 65 31.41 17.81 -24.94
CA LEU A 65 30.66 16.58 -25.17
C LEU A 65 29.23 16.91 -25.57
N VAL A 66 28.73 16.19 -26.56
CA VAL A 66 27.45 16.51 -27.18
C VAL A 66 26.35 15.66 -26.54
N ILE A 67 25.24 16.33 -26.21
CA ILE A 67 23.99 15.71 -25.76
C ILE A 67 23.07 15.73 -26.97
N PRO A 68 22.97 14.62 -27.72
CA PRO A 68 22.32 14.71 -29.04
C PRO A 68 20.83 14.98 -29.01
N ALA A 69 20.12 14.54 -27.96
CA ALA A 69 18.65 14.57 -27.93
C ALA A 69 18.16 14.93 -26.54
N PRO A 70 18.45 16.13 -26.07
CA PRO A 70 17.88 16.58 -24.78
C PRO A 70 16.36 16.62 -24.84
N ILE A 71 15.72 16.43 -23.67
CA ILE A 71 14.29 16.21 -23.60
C ILE A 71 13.69 17.28 -22.70
N GLN A 72 12.74 18.05 -23.23
CA GLN A 72 11.97 18.97 -22.39
C GLN A 72 10.81 18.19 -21.77
N GLN A 73 10.76 18.17 -20.45
CA GLN A 73 9.80 17.32 -19.70
C GLN A 73 8.55 18.12 -19.30
N LEU A 74 7.45 17.91 -20.03
CA LEU A 74 6.19 18.57 -19.73
C LEU A 74 5.36 17.62 -18.88
N VAL A 75 5.09 17.96 -17.64
CA VAL A 75 4.37 17.05 -16.74
C VAL A 75 2.95 17.57 -16.58
N THR A 76 1.97 16.68 -16.71
N THR A 76 1.98 16.65 -16.60
CA THR A 76 0.57 17.03 -16.58
CA THR A 76 0.57 17.03 -16.59
C THR A 76 0.02 16.23 -15.41
C THR A 76 -0.17 16.17 -15.57
N GLY A 77 -0.91 16.81 -14.70
CA GLY A 77 -1.54 16.07 -13.62
C GLY A 77 -1.81 16.89 -12.39
N GLN A 78 -2.35 16.22 -11.36
CA GLN A 78 -2.77 16.83 -10.11
C GLN A 78 -2.94 15.75 -9.06
N SER A 79 -3.01 16.18 -7.80
CA SER A 79 -3.33 15.27 -6.69
C SER A 79 -2.39 14.08 -6.68
N GLY A 80 -1.11 14.37 -6.93
CA GLY A 80 -0.09 13.36 -6.78
C GLY A 80 0.04 12.42 -7.94
N LEU A 81 -0.75 12.61 -9.01
CA LEU A 81 -0.73 11.69 -10.14
C LEU A 81 -0.46 12.43 -11.43
N PHE A 82 0.57 11.99 -12.17
CA PHE A 82 1.04 12.79 -13.32
C PHE A 82 1.49 11.89 -14.47
N THR A 83 1.41 12.48 -15.67
CA THR A 83 1.90 11.87 -16.89
C THR A 83 2.87 12.84 -17.53
N GLN A 84 4.05 12.32 -17.83
CA GLN A 84 5.16 13.09 -18.38
C GLN A 84 5.23 12.93 -19.88
N TYR A 85 5.29 14.06 -20.59
CA TYR A 85 5.37 14.08 -22.05
C TYR A 85 6.73 14.60 -22.45
N ASN A 86 7.35 13.98 -23.43
CA ASN A 86 8.71 14.36 -23.84
C ASN A 86 8.66 15.21 -25.08
N ILE A 87 9.45 16.27 -25.09
CA ILE A 87 9.57 17.16 -26.25
C ILE A 87 11.05 17.16 -26.57
N GLN A 88 11.42 16.64 -27.72
CA GLN A 88 12.85 16.57 -28.01
C GLN A 88 13.32 17.94 -28.46
N LYS A 89 14.45 18.36 -27.92
CA LYS A 89 15.07 19.64 -28.25
C LYS A 89 16.30 19.40 -29.10
N LYS A 90 16.82 20.45 -29.71
CA LYS A 90 18.01 20.27 -30.54
C LYS A 90 19.21 19.91 -29.68
N ALA A 91 20.19 19.25 -30.31
CA ALA A 91 21.39 18.86 -29.62
C ALA A 91 22.08 20.05 -28.97
N MET A 92 22.79 19.79 -27.87
CA MET A 92 23.59 20.84 -27.23
C MET A 92 24.78 20.23 -26.50
N THR A 93 25.74 21.10 -26.19
CA THR A 93 26.91 20.66 -25.45
C THR A 93 26.62 20.64 -23.96
N VAL A 94 27.42 19.88 -23.23
CA VAL A 94 27.41 19.92 -21.77
C VAL A 94 27.52 21.36 -21.28
N ARG A 95 28.45 22.12 -21.87
CA ARG A 95 28.62 23.51 -21.49
C ARG A 95 27.32 24.29 -21.65
N GLU A 96 26.66 24.13 -22.80
CA GLU A 96 25.38 24.78 -23.03
C GLU A 96 24.36 24.34 -22.02
N PHE A 97 24.38 23.06 -21.66
CA PHE A 97 23.36 22.54 -20.76
C PHE A 97 23.58 23.04 -19.34
N ARG A 98 24.83 23.00 -18.87
CA ARG A 98 25.11 23.50 -17.54
C ARG A 98 24.68 24.96 -17.40
N LYS A 99 24.93 25.76 -18.44
CA LYS A 99 24.57 27.17 -18.37
C LYS A 99 23.09 27.33 -18.16
N ILE A 100 22.28 26.52 -18.87
CA ILE A 100 20.84 26.59 -18.70
C ILE A 100 20.46 26.09 -17.31
N ALA A 101 21.04 24.96 -16.89
CA ALA A 101 20.70 24.36 -15.60
C ALA A 101 20.91 25.35 -14.46
N ASN A 102 21.98 26.15 -14.54
CA ASN A 102 22.34 27.05 -13.46
C ASN A 102 21.75 28.44 -13.62
N SER A 103 21.14 28.74 -14.76
CA SER A 103 20.49 30.03 -14.95
C SER A 103 19.37 30.24 -13.92
N ASP A 104 19.02 31.50 -13.67
CA ASP A 104 17.99 31.77 -12.68
C ASP A 104 16.67 31.12 -13.05
N LYS A 105 16.39 30.99 -14.34
CA LYS A 105 15.12 30.39 -14.78
C LYS A 105 14.98 28.94 -14.30
N TYR A 106 16.08 28.19 -14.28
CA TYR A 106 16.00 26.75 -14.02
C TYR A 106 16.69 26.26 -12.75
N CYS A 107 17.45 27.09 -12.04
CA CYS A 107 18.35 26.58 -11.02
C CYS A 107 17.59 26.05 -9.81
N THR A 108 18.31 25.36 -8.95
CA THR A 108 17.73 24.81 -7.73
C THR A 108 17.21 25.95 -6.87
N PRO A 109 15.98 25.89 -6.41
CA PRO A 109 15.51 26.90 -5.45
C PRO A 109 16.16 26.74 -4.09
N ARG A 110 16.03 27.80 -3.29
CA ARG A 110 16.54 27.82 -1.93
C ARG A 110 15.74 26.88 -1.03
N TYR A 111 16.45 26.18 -0.15
CA TYR A 111 15.77 25.30 0.79
C TYR A 111 16.68 25.06 1.99
N SER A 112 16.07 24.55 3.05
CA SER A 112 16.77 24.10 4.25
C SER A 112 16.97 22.59 4.25
N GLU A 113 15.93 21.86 4.61
CA GLU A 113 15.97 20.41 4.68
C GLU A 113 15.64 19.81 3.32
N PHE A 114 16.15 18.59 3.09
CA PHE A 114 15.72 17.85 1.90
C PHE A 114 14.20 17.77 1.88
N GLU A 115 13.56 17.64 3.05
CA GLU A 115 12.11 17.49 3.06
C GLU A 115 11.43 18.69 2.42
N GLU A 116 12.03 19.88 2.57
CA GLU A 116 11.48 21.08 1.96
C GLU A 116 11.67 21.06 0.46
N LEU A 117 12.86 20.68 0.01
CA LEU A 117 13.09 20.57 -1.43
C LEU A 117 12.14 19.54 -2.06
N GLU A 118 11.92 18.42 -1.38
CA GLU A 118 10.99 17.41 -1.87
C GLU A 118 9.57 17.96 -2.03
N ARG A 119 9.09 18.75 -1.07
CA ARG A 119 7.77 19.35 -1.20
C ARG A 119 7.71 20.31 -2.38
N LYS A 120 8.77 21.08 -2.59
CA LYS A 120 8.83 21.99 -3.72
C LYS A 120 8.81 21.24 -5.05
N TYR A 121 9.46 20.09 -5.11
CA TYR A 121 9.41 19.30 -6.33
C TYR A 121 7.98 18.87 -6.63
N TRP A 122 7.30 18.33 -5.66
CA TRP A 122 5.98 17.80 -5.94
C TRP A 122 4.94 18.90 -6.14
N LYS A 123 5.23 20.10 -5.67
CA LYS A 123 4.35 21.23 -5.89
C LYS A 123 4.53 21.89 -7.24
N ASN A 124 5.75 21.87 -7.78
CA ASN A 124 6.10 22.65 -8.97
C ASN A 124 6.48 21.80 -10.17
N LEU A 125 6.29 20.48 -10.04
CA LEU A 125 6.56 19.50 -11.08
C LEU A 125 5.99 19.87 -12.44
N THR A 126 4.78 20.41 -12.46
CA THR A 126 4.12 20.73 -13.74
C THR A 126 4.39 22.15 -14.26
N PHE A 127 5.22 22.94 -13.59
CA PHE A 127 5.54 24.31 -13.97
C PHE A 127 6.95 24.36 -14.50
N ASN A 128 7.20 25.37 -15.36
CA ASN A 128 8.52 25.66 -15.89
C ASN A 128 9.23 24.38 -16.36
N PRO A 129 8.67 23.70 -17.36
CA PRO A 129 9.20 22.38 -17.77
C PRO A 129 10.69 22.40 -18.01
N PRO A 130 11.44 21.51 -17.33
CA PRO A 130 12.90 21.50 -17.47
C PRO A 130 13.37 20.61 -18.61
N ILE A 131 14.67 20.67 -18.86
CA ILE A 131 15.29 19.87 -19.93
C ILE A 131 16.24 18.85 -19.29
N TYR A 132 16.06 17.58 -19.64
CA TYR A 132 16.90 16.50 -19.14
C TYR A 132 17.81 15.97 -20.25
N GLY A 133 19.14 15.97 -19.99
CA GLY A 133 20.07 15.44 -20.96
C GLY A 133 20.22 13.93 -20.86
N ALA A 134 19.19 13.21 -21.29
CA ALA A 134 19.03 11.79 -21.00
C ALA A 134 19.44 10.89 -22.14
N ASP A 135 19.71 9.64 -21.79
CA ASP A 135 20.02 8.57 -22.76
C ASP A 135 21.12 8.97 -23.71
N VAL A 136 22.19 9.55 -23.18
CA VAL A 136 23.37 9.84 -23.97
C VAL A 136 24.27 8.59 -24.00
N ASN A 137 24.53 8.04 -25.19
CA ASN A 137 25.43 6.91 -25.30
C ASN A 137 26.84 7.36 -24.93
N GLY A 138 27.42 6.74 -23.93
CA GLY A 138 28.78 7.05 -23.58
C GLY A 138 29.06 6.71 -22.14
N THR A 139 30.31 6.96 -21.76
CA THR A 139 30.82 6.65 -20.44
C THR A 139 31.79 7.75 -20.04
N LEU A 140 31.84 8.03 -18.75
CA LEU A 140 32.85 8.95 -18.24
C LEU A 140 33.95 8.22 -17.50
N TYR A 141 33.87 6.90 -17.38
CA TYR A 141 34.95 6.12 -16.80
C TYR A 141 36.20 6.20 -17.67
N GLU A 142 37.35 6.39 -17.03
CA GLU A 142 38.64 6.25 -17.71
C GLU A 142 38.86 4.78 -18.07
N LYS A 143 39.57 4.56 -19.18
CA LYS A 143 39.56 3.26 -19.83
C LYS A 143 40.19 2.15 -18.99
N HIS A 144 41.06 2.47 -18.04
CA HIS A 144 41.78 1.45 -17.30
C HIS A 144 41.21 1.19 -15.91
N VAL A 145 40.02 1.72 -15.60
CA VAL A 145 39.34 1.43 -14.35
C VAL A 145 38.67 0.06 -14.45
N ASP A 146 39.07 -0.87 -13.60
CA ASP A 146 38.57 -2.24 -13.69
C ASP A 146 37.51 -2.59 -12.66
N GLU A 147 37.33 -1.80 -11.61
CA GLU A 147 36.36 -2.10 -10.57
C GLU A 147 35.07 -1.34 -10.85
N TRP A 148 33.95 -2.05 -10.90
CA TRP A 148 32.62 -1.42 -11.05
C TRP A 148 32.61 -0.48 -12.26
N ASN A 149 33.24 -0.91 -13.35
CA ASN A 149 33.20 -0.16 -14.60
C ASN A 149 31.89 -0.47 -15.28
N ILE A 150 30.99 0.51 -15.33
CA ILE A 150 29.67 0.32 -15.92
C ILE A 150 29.77 -0.08 -17.39
N GLY A 151 30.87 0.20 -18.06
CA GLY A 151 31.05 -0.27 -19.41
C GLY A 151 31.37 -1.74 -19.57
N ARG A 152 31.86 -2.39 -18.53
CA ARG A 152 32.24 -3.80 -18.62
C ARG A 152 32.20 -4.46 -17.26
N LEU A 153 30.99 -4.75 -16.79
CA LEU A 153 30.84 -5.28 -15.46
C LEU A 153 31.14 -6.77 -15.39
N ARG A 154 31.08 -7.47 -16.51
CA ARG A 154 31.32 -8.90 -16.55
C ARG A 154 30.34 -9.64 -15.64
N THR A 155 29.07 -9.50 -15.96
CA THR A 155 28.04 -10.34 -15.39
C THR A 155 27.49 -11.22 -16.52
N ILE A 156 26.60 -12.14 -16.13
CA ILE A 156 26.04 -13.06 -17.12
C ILE A 156 25.15 -12.38 -18.16
N LEU A 157 24.78 -11.12 -17.97
CA LEU A 157 24.13 -10.38 -19.05
C LEU A 157 25.04 -10.36 -20.28
N ASP A 158 26.36 -10.47 -20.08
CA ASP A 158 27.30 -10.53 -21.20
C ASP A 158 26.99 -11.64 -22.18
N LEU A 159 26.23 -12.67 -21.77
CA LEU A 159 25.95 -13.78 -22.67
C LEU A 159 25.11 -13.34 -23.87
N VAL A 160 24.30 -12.30 -23.73
CA VAL A 160 23.53 -11.83 -24.87
C VAL A 160 24.47 -11.46 -26.02
N GLU A 161 25.36 -10.49 -25.76
CA GLU A 161 26.29 -10.07 -26.81
C GLU A 161 27.23 -11.21 -27.17
N LYS A 162 27.76 -11.91 -26.16
CA LYS A 162 28.79 -12.90 -26.45
C LYS A 162 28.26 -13.98 -27.39
N GLU A 163 27.01 -14.42 -27.17
CA GLU A 163 26.47 -15.51 -27.99
C GLU A 163 25.88 -15.04 -29.32
N SER A 164 25.19 -13.90 -29.33
CA SER A 164 24.45 -13.44 -30.51
C SER A 164 24.99 -12.17 -31.16
N GLY A 165 25.83 -11.42 -30.45
CA GLY A 165 26.32 -10.16 -30.99
C GLY A 165 25.39 -8.98 -30.79
N ILE A 166 24.27 -9.19 -30.11
CA ILE A 166 23.25 -8.16 -29.97
C ILE A 166 23.66 -7.18 -28.87
N THR A 167 23.75 -5.90 -29.20
CA THR A 167 23.82 -4.88 -28.15
C THR A 167 22.53 -4.06 -28.11
N ILE A 168 22.14 -3.64 -26.90
CA ILE A 168 20.92 -2.89 -26.67
C ILE A 168 21.38 -1.66 -25.91
N GLU A 169 21.29 -0.48 -26.53
CA GLU A 169 21.81 0.73 -25.88
C GLU A 169 21.15 1.01 -24.53
N GLY A 170 21.98 1.39 -23.55
CA GLY A 170 21.52 1.60 -22.22
C GLY A 170 21.27 0.36 -21.42
N VAL A 171 21.25 -0.80 -22.04
CA VAL A 171 20.92 -2.07 -21.40
C VAL A 171 22.21 -2.85 -21.20
N ASN A 172 22.90 -3.21 -22.30
CA ASN A 172 24.26 -3.74 -22.15
C ASN A 172 25.32 -2.78 -22.70
N THR A 173 24.98 -1.50 -22.78
CA THR A 173 25.92 -0.42 -23.00
C THR A 173 25.54 0.71 -22.08
N PRO A 174 26.44 1.66 -21.82
CA PRO A 174 26.14 2.70 -20.84
C PRO A 174 25.46 3.93 -21.42
N TYR A 175 24.67 4.55 -20.56
CA TYR A 175 23.95 5.79 -20.83
C TYR A 175 24.36 6.80 -19.78
N LEU A 176 24.58 8.05 -20.20
CA LEU A 176 24.75 9.17 -19.29
C LEU A 176 23.46 9.99 -19.22
N TYR A 177 23.24 10.57 -18.05
CA TYR A 177 22.09 11.41 -17.75
C TYR A 177 22.58 12.73 -17.18
N PHE A 178 22.39 13.81 -17.92
CA PHE A 178 22.74 15.15 -17.44
C PHE A 178 21.48 15.80 -16.86
N GLY A 179 21.48 16.03 -15.58
CA GLY A 179 20.33 16.51 -14.87
C GLY A 179 20.39 18.00 -14.58
N MET A 180 19.21 18.57 -14.42
CA MET A 180 19.02 19.87 -13.78
C MET A 180 17.90 19.72 -12.77
N TRP A 181 17.65 20.81 -12.03
CA TRP A 181 16.61 20.83 -11.03
C TRP A 181 15.28 20.38 -11.60
N LYS A 182 14.62 19.45 -10.91
CA LYS A 182 13.23 19.13 -11.19
C LYS A 182 13.10 18.23 -12.40
N THR A 183 14.20 17.73 -12.99
CA THR A 183 14.07 16.67 -13.99
C THR A 183 13.78 15.35 -13.28
N SER A 184 12.95 14.53 -13.90
CA SER A 184 12.39 13.35 -13.26
C SER A 184 12.70 12.07 -14.01
N PHE A 185 12.72 10.96 -13.27
CA PHE A 185 12.60 9.64 -13.87
C PHE A 185 11.35 9.01 -13.26
N ALA A 186 10.41 8.65 -14.13
CA ALA A 186 9.11 8.13 -13.73
C ALA A 186 9.24 6.69 -13.20
N TRP A 187 8.13 6.20 -12.60
CA TRP A 187 8.09 4.85 -12.02
C TRP A 187 8.29 3.74 -13.06
N HIS A 188 9.25 2.84 -12.79
CA HIS A 188 9.52 1.75 -13.70
C HIS A 188 10.33 0.69 -12.99
N THR A 189 10.26 -0.53 -13.54
CA THR A 189 11.32 -1.51 -13.40
C THR A 189 12.15 -1.48 -14.66
N GLU A 190 13.31 -2.14 -14.60
CA GLU A 190 14.14 -2.16 -15.81
C GLU A 190 13.53 -3.06 -16.88
N ASP A 191 13.98 -2.79 -18.10
CA ASP A 191 13.69 -3.69 -19.21
C ASP A 191 14.05 -5.12 -18.81
N MET A 192 13.17 -6.06 -19.13
CA MET A 192 13.29 -7.48 -18.80
C MET A 192 13.44 -7.70 -17.29
N ASP A 193 13.00 -6.72 -16.51
CA ASP A 193 13.15 -6.71 -15.05
C ASP A 193 14.57 -7.05 -14.61
N LEU A 194 15.54 -6.48 -15.31
CA LEU A 194 16.94 -6.59 -14.96
C LEU A 194 17.32 -5.79 -13.70
N TYR A 195 18.54 -6.00 -13.22
CA TYR A 195 19.14 -5.10 -12.24
C TYR A 195 19.59 -3.84 -12.98
N SER A 196 19.90 -2.78 -12.23
CA SER A 196 20.61 -1.66 -12.84
C SER A 196 21.63 -1.12 -11.85
N ILE A 197 22.63 -0.46 -12.39
CA ILE A 197 23.64 0.23 -11.61
C ILE A 197 23.65 1.67 -12.07
N ASN A 198 23.78 2.58 -11.11
CA ASN A 198 23.66 4.01 -11.35
C ASN A 198 24.71 4.73 -10.53
N TYR A 199 25.63 5.42 -11.19
CA TYR A 199 26.70 6.14 -10.50
C TYR A 199 26.56 7.64 -10.75
N LEU A 200 26.63 8.43 -9.68
CA LEU A 200 26.51 9.88 -9.79
C LEU A 200 27.93 10.47 -9.88
N HIS A 201 28.35 10.81 -11.10
CA HIS A 201 29.72 11.27 -11.30
C HIS A 201 29.99 12.58 -10.57
N PHE A 202 29.10 13.56 -10.71
CA PHE A 202 29.31 14.87 -10.12
C PHE A 202 27.99 15.63 -10.04
N GLY A 203 28.00 16.69 -9.24
CA GLY A 203 26.90 17.61 -9.24
C GLY A 203 25.98 17.43 -8.06
N GLU A 204 24.77 17.98 -8.20
CA GLU A 204 23.80 18.00 -7.12
C GLU A 204 23.22 16.62 -6.96
N PRO A 205 22.55 16.35 -5.84
CA PRO A 205 22.05 14.99 -5.60
C PRO A 205 20.93 14.55 -6.55
N LYS A 206 20.63 13.26 -6.45
CA LYS A 206 19.52 12.61 -7.15
C LYS A 206 18.71 11.90 -6.07
N SER A 207 17.41 12.19 -6.00
CA SER A 207 16.60 11.52 -4.99
C SER A 207 15.76 10.44 -5.61
N TRP A 208 15.54 9.40 -4.81
CA TRP A 208 14.93 8.16 -5.27
C TRP A 208 13.78 7.75 -4.34
N TYR A 209 12.79 7.09 -4.95
CA TYR A 209 11.75 6.32 -4.30
C TYR A 209 11.83 4.89 -4.80
N SER A 210 11.55 3.93 -3.90
CA SER A 210 11.58 2.54 -4.32
C SER A 210 10.45 1.75 -3.67
N VAL A 211 9.90 0.80 -4.40
CA VAL A 211 8.91 -0.15 -3.87
C VAL A 211 9.52 -1.54 -3.82
N PRO A 212 9.39 -2.28 -2.71
CA PRO A 212 9.95 -3.63 -2.67
C PRO A 212 9.45 -4.49 -3.80
N PRO A 213 10.34 -5.29 -4.44
CA PRO A 213 9.84 -6.25 -5.45
C PRO A 213 8.71 -7.14 -4.95
N GLU A 214 8.73 -7.56 -3.68
CA GLU A 214 7.64 -8.38 -3.16
C GLU A 214 6.33 -7.61 -3.07
N HIS A 215 6.35 -6.28 -3.20
CA HIS A 215 5.12 -5.50 -3.30
C HIS A 215 4.91 -4.76 -4.62
N GLY A 216 5.62 -5.12 -5.68
CA GLY A 216 5.45 -4.41 -6.93
C GLY A 216 4.08 -4.57 -7.51
N LYS A 217 3.45 -5.72 -7.29
CA LYS A 217 2.12 -5.95 -7.87
C LYS A 217 1.11 -5.01 -7.28
N ARG A 218 1.31 -4.64 -6.03
CA ARG A 218 0.41 -3.69 -5.40
C ARG A 218 0.50 -2.32 -6.08
N LEU A 219 1.72 -1.85 -6.35
CA LEU A 219 1.87 -0.58 -7.05
C LEU A 219 1.22 -0.67 -8.42
N GLU A 220 1.45 -1.77 -9.15
CA GLU A 220 0.81 -1.92 -10.43
C GLU A 220 -0.71 -1.87 -10.31
N ARG A 221 -1.29 -2.53 -9.29
CA ARG A 221 -2.74 -2.47 -9.11
C ARG A 221 -3.19 -1.03 -8.94
N LEU A 222 -2.49 -0.26 -8.13
CA LEU A 222 -2.87 1.12 -7.88
C LEU A 222 -2.80 1.90 -9.18
N ALA A 223 -1.75 1.67 -9.97
CA ALA A 223 -1.55 2.46 -11.19
C ALA A 223 -2.60 2.17 -12.24
N LYS A 224 -2.95 0.89 -12.44
CA LYS A 224 -4.02 0.55 -13.38
C LYS A 224 -5.32 1.22 -12.97
N GLY A 225 -5.57 1.29 -11.66
CA GLY A 225 -6.75 1.99 -11.19
C GLY A 225 -6.72 3.48 -11.47
N PHE A 226 -5.58 4.12 -11.27
CA PHE A 226 -5.54 5.57 -11.41
C PHE A 226 -5.35 6.01 -12.86
N PHE A 227 -4.77 5.19 -13.71
CA PHE A 227 -4.62 5.50 -15.12
C PHE A 227 -5.37 4.45 -15.93
N PRO A 228 -6.69 4.43 -15.79
CA PRO A 228 -7.49 3.38 -16.44
C PRO A 228 -7.30 3.36 -17.95
N GLY A 229 -7.06 4.52 -18.55
CA GLY A 229 -6.85 4.55 -19.99
C GLY A 229 -5.59 3.81 -20.39
N SER A 230 -4.47 4.15 -19.76
CA SER A 230 -3.21 3.50 -20.08
C SER A 230 -3.30 1.98 -19.90
N ALA A 231 -3.89 1.53 -18.79
CA ALA A 231 -3.96 0.10 -18.53
C ALA A 231 -4.66 -0.65 -19.67
N GLN A 232 -5.70 -0.04 -20.27
CA GLN A 232 -6.40 -0.70 -21.37
C GLN A 232 -5.52 -0.85 -22.59
N SER A 233 -4.69 0.14 -22.86
CA SER A 233 -3.92 0.18 -24.10
C SER A 233 -2.64 -0.65 -24.04
N CYS A 234 -2.19 -1.07 -22.86
CA CYS A 234 -0.93 -1.79 -22.80
C CYS A 234 -0.86 -2.60 -21.51
N GLU A 235 -0.34 -3.80 -21.61
CA GLU A 235 -0.28 -4.67 -20.44
C GLU A 235 0.77 -4.24 -19.43
N ALA A 236 1.64 -3.31 -19.79
CA ALA A 236 2.75 -2.88 -18.94
C ALA A 236 3.08 -1.42 -19.23
N PHE A 237 2.09 -0.55 -19.09
CA PHE A 237 2.27 0.84 -19.52
C PHE A 237 3.28 1.59 -18.67
N LEU A 238 3.60 1.11 -17.44
CA LEU A 238 4.63 1.78 -16.69
C LEU A 238 6.01 1.72 -17.39
N ARG A 239 6.23 0.77 -18.30
CA ARG A 239 7.51 0.70 -18.99
C ARG A 239 7.69 1.85 -19.97
N HIS A 240 6.64 2.59 -20.28
CA HIS A 240 6.77 3.81 -21.10
C HIS A 240 7.52 4.90 -20.35
N LYS A 241 7.69 4.73 -19.03
CA LYS A 241 8.38 5.67 -18.17
C LYS A 241 7.79 7.07 -18.24
N MET A 242 6.45 7.14 -18.22
CA MET A 242 5.76 8.44 -18.27
C MET A 242 4.96 8.72 -17.01
N THR A 243 4.89 7.77 -16.05
CA THR A 243 3.96 7.88 -14.95
C THR A 243 4.66 8.27 -13.64
N LEU A 244 4.27 9.40 -13.09
CA LEU A 244 4.77 9.92 -11.82
C LEU A 244 3.69 9.84 -10.76
N ILE A 245 4.06 9.36 -9.57
CA ILE A 245 3.16 9.18 -8.44
C ILE A 245 3.85 9.69 -7.20
N SER A 246 3.22 10.63 -6.48
CA SER A 246 3.86 11.22 -5.33
C SER A 246 3.89 10.24 -4.14
N PRO A 247 4.83 10.42 -3.25
CA PRO A 247 4.87 9.59 -2.04
C PRO A 247 3.65 9.79 -1.13
N LEU A 248 3.02 10.95 -1.16
CA LEU A 248 1.79 11.09 -0.40
C LEU A 248 0.69 10.22 -0.97
N MET A 249 0.68 9.99 -2.26
CA MET A 249 -0.32 9.09 -2.84
CA MET A 249 -0.30 9.08 -2.86
C MET A 249 -0.01 7.62 -2.51
N LEU A 250 1.28 7.24 -2.51
CA LEU A 250 1.65 5.91 -2.08
C LEU A 250 1.21 5.64 -0.64
N LYS A 251 1.43 6.61 0.25
CA LYS A 251 1.03 6.48 1.64
C LYS A 251 -0.48 6.36 1.76
N LYS A 252 -1.21 7.21 1.04
CA LYS A 252 -2.66 7.22 1.13
C LYS A 252 -3.28 5.91 0.72
N TYR A 253 -2.65 5.16 -0.17
CA TYR A 253 -3.18 3.89 -0.61
C TYR A 253 -2.39 2.68 -0.12
N GLY A 254 -1.49 2.88 0.83
CA GLY A 254 -0.83 1.77 1.46
C GLY A 254 0.16 1.04 0.59
N ILE A 255 0.85 1.73 -0.29
CA ILE A 255 1.92 1.11 -1.08
C ILE A 255 3.20 1.20 -0.26
N PRO A 256 3.79 0.08 0.16
CA PRO A 256 5.07 0.15 0.87
C PRO A 256 6.13 0.76 -0.04
N PHE A 257 6.94 1.66 0.53
CA PHE A 257 8.03 2.27 -0.23
C PHE A 257 9.04 2.86 0.74
N ASP A 258 10.20 3.20 0.21
CA ASP A 258 11.23 3.92 0.95
C ASP A 258 11.84 4.97 0.05
N LYS A 259 12.52 5.93 0.65
CA LYS A 259 13.16 7.01 -0.10
C LYS A 259 14.60 7.11 0.33
N VAL A 260 15.45 7.54 -0.59
CA VAL A 260 16.85 7.80 -0.28
C VAL A 260 17.37 8.84 -1.25
N THR A 261 18.34 9.64 -0.79
CA THR A 261 19.02 10.58 -1.65
C THR A 261 20.41 10.08 -1.97
N GLN A 262 20.75 10.05 -3.26
CA GLN A 262 22.07 9.70 -3.74
C GLN A 262 22.93 10.95 -3.95
N GLU A 263 24.15 10.93 -3.40
CA GLU A 263 25.07 12.04 -3.53
C GLU A 263 26.19 11.72 -4.50
N ALA A 264 26.86 12.77 -4.99
CA ALA A 264 27.91 12.54 -5.96
C ALA A 264 28.96 11.59 -5.39
N GLY A 265 29.38 10.61 -6.20
CA GLY A 265 30.34 9.61 -5.78
C GLY A 265 29.74 8.34 -5.20
N GLU A 266 28.43 8.22 -5.19
CA GLU A 266 27.74 7.05 -4.64
C GLU A 266 27.09 6.26 -5.77
N PHE A 267 27.06 4.94 -5.61
CA PHE A 267 26.29 4.08 -6.50
C PHE A 267 24.92 3.77 -5.92
N MET A 268 23.95 3.60 -6.82
CA MET A 268 22.69 2.99 -6.44
C MET A 268 22.53 1.73 -7.28
N ILE A 269 22.05 0.66 -6.65
CA ILE A 269 21.75 -0.58 -7.33
C ILE A 269 20.25 -0.76 -7.30
N THR A 270 19.64 -1.07 -8.44
CA THR A 270 18.23 -1.49 -8.41
C THR A 270 18.20 -2.98 -8.70
N PHE A 271 17.20 -3.62 -8.16
CA PHE A 271 17.08 -5.07 -8.18
C PHE A 271 15.91 -5.51 -9.04
N PRO A 272 15.91 -6.76 -9.48
CA PRO A 272 14.86 -7.22 -10.38
C PRO A 272 13.48 -6.99 -9.84
N TYR A 273 12.66 -6.37 -10.68
CA TYR A 273 11.27 -6.06 -10.35
C TYR A 273 11.18 -5.04 -9.20
N GLY A 274 12.26 -4.28 -8.97
CA GLY A 274 12.20 -3.15 -8.06
C GLY A 274 11.76 -1.89 -8.79
N TYR A 275 10.56 -1.42 -8.48
CA TYR A 275 10.06 -0.16 -9.04
C TYR A 275 10.78 1.02 -8.38
N HIS A 276 11.15 2.01 -9.18
CA HIS A 276 11.87 3.15 -8.67
C HIS A 276 11.47 4.36 -9.53
N ALA A 277 11.57 5.51 -8.89
CA ALA A 277 11.32 6.80 -9.52
C ALA A 277 12.14 7.84 -8.77
N GLY A 278 12.23 9.04 -9.32
CA GLY A 278 12.91 10.10 -8.55
C GLY A 278 13.12 11.36 -9.37
N PHE A 279 14.08 12.19 -8.88
CA PHE A 279 14.27 13.49 -9.48
C PHE A 279 15.65 14.01 -9.15
N ASN A 280 16.15 14.91 -9.98
CA ASN A 280 17.42 15.57 -9.70
C ASN A 280 17.26 16.89 -8.98
N HIS A 281 18.20 17.18 -8.08
CA HIS A 281 18.19 18.41 -7.28
C HIS A 281 18.69 19.61 -8.07
N GLY A 282 19.53 19.38 -9.06
CA GLY A 282 20.19 20.45 -9.78
C GLY A 282 21.16 19.84 -10.78
N PHE A 283 22.06 20.68 -11.28
CA PHE A 283 22.95 20.21 -12.33
C PHE A 283 23.80 19.03 -11.86
N ASN A 284 23.80 17.94 -12.64
CA ASN A 284 24.52 16.74 -12.28
C ASN A 284 24.64 15.81 -13.48
N CYS A 285 25.38 14.74 -13.28
CA CYS A 285 25.62 13.77 -14.35
C CYS A 285 25.71 12.39 -13.73
N ALA A 286 24.89 11.45 -14.21
CA ALA A 286 24.85 10.08 -13.70
C ALA A 286 25.11 9.16 -14.88
N GLU A 287 25.61 7.95 -14.59
CA GLU A 287 25.88 6.94 -15.62
C GLU A 287 25.20 5.66 -15.19
N SER A 288 24.54 4.98 -16.14
CA SER A 288 23.66 3.85 -15.83
C SER A 288 23.71 2.77 -16.87
N THR A 289 23.47 1.52 -16.44
CA THR A 289 23.31 0.39 -17.36
C THR A 289 22.66 -0.76 -16.61
N ASN A 290 22.29 -1.81 -17.35
CA ASN A 290 21.72 -2.98 -16.71
C ASN A 290 22.75 -4.10 -16.52
N PHE A 291 22.42 -5.01 -15.61
CA PHE A 291 23.24 -6.19 -15.39
C PHE A 291 22.37 -7.30 -14.81
N ALA A 292 22.96 -8.48 -14.70
CA ALA A 292 22.19 -9.62 -14.19
C ALA A 292 23.02 -10.45 -13.21
N THR A 293 22.31 -11.35 -12.56
CA THR A 293 22.85 -12.44 -11.76
C THR A 293 22.04 -13.69 -12.11
N ARG A 294 22.41 -14.84 -11.55
CA ARG A 294 21.61 -16.04 -11.84
C ARG A 294 20.15 -15.91 -11.39
N ARG A 295 19.88 -15.17 -10.31
CA ARG A 295 18.54 -15.02 -9.82
C ARG A 295 17.67 -14.22 -10.78
N TRP A 296 18.29 -13.38 -11.61
CA TRP A 296 17.51 -12.62 -12.56
C TRP A 296 16.80 -13.50 -13.60
N ILE A 297 17.39 -14.65 -13.95
CA ILE A 297 16.86 -15.44 -15.05
C ILE A 297 15.37 -15.69 -14.91
N GLU A 298 14.93 -16.05 -13.69
CA GLU A 298 13.51 -16.36 -13.56
C GLU A 298 12.67 -15.10 -13.75
N TYR A 299 13.18 -13.94 -13.33
CA TYR A 299 12.45 -12.71 -13.58
C TYR A 299 12.37 -12.40 -15.08
N GLY A 300 13.46 -12.66 -15.81
CA GLY A 300 13.45 -12.46 -17.25
C GLY A 300 12.39 -13.33 -17.93
N LYS A 301 12.27 -14.58 -17.52
CA LYS A 301 11.28 -15.47 -18.11
C LYS A 301 9.87 -14.95 -17.87
N GLN A 302 9.63 -14.33 -16.72
CA GLN A 302 8.31 -13.96 -16.29
C GLN A 302 7.99 -12.49 -16.52
N ALA A 303 8.93 -11.71 -17.01
CA ALA A 303 8.67 -10.29 -17.16
C ALA A 303 7.46 -10.05 -18.06
N VAL A 304 6.57 -9.15 -17.64
CA VAL A 304 5.43 -8.71 -18.46
C VAL A 304 5.86 -7.49 -19.28
N LEU A 305 5.82 -7.62 -20.60
CA LEU A 305 6.44 -6.63 -21.45
C LEU A 305 5.39 -5.71 -22.04
N CYS A 306 5.85 -4.53 -22.47
CA CYS A 306 4.98 -3.58 -23.15
C CYS A 306 4.37 -4.23 -24.39
N SER A 307 3.04 -4.18 -24.49
CA SER A 307 2.32 -4.80 -25.59
C SER A 307 2.02 -3.84 -26.74
N CYS A 308 2.15 -2.53 -26.52
CA CYS A 308 1.73 -1.55 -27.51
C CYS A 308 2.89 -1.03 -28.36
N ARG A 309 4.01 -1.74 -28.36
CA ARG A 309 5.17 -1.44 -29.20
C ARG A 309 5.84 -0.11 -28.88
N LYS A 310 5.34 0.63 -27.89
CA LYS A 310 6.01 1.84 -27.42
C LYS A 310 7.39 1.55 -26.81
N ASP A 311 7.57 0.39 -26.17
CA ASP A 311 8.85 -0.02 -25.60
C ASP A 311 9.29 -1.31 -26.29
N MET A 312 10.35 -1.22 -27.07
CA MET A 312 10.73 -2.29 -27.97
C MET A 312 11.70 -3.31 -27.36
N VAL A 313 12.16 -3.15 -26.12
CA VAL A 313 13.29 -3.97 -25.67
C VAL A 313 12.81 -5.35 -25.20
N LYS A 314 13.29 -6.40 -25.88
CA LYS A 314 13.02 -7.77 -25.49
C LYS A 314 14.30 -8.56 -25.65
N ILE A 315 14.66 -9.35 -24.65
CA ILE A 315 15.87 -10.18 -24.69
C ILE A 315 15.40 -11.62 -24.75
N SER A 316 15.98 -12.42 -25.62
CA SER A 316 15.63 -13.83 -25.71
C SER A 316 16.17 -14.56 -24.49
N MET A 317 15.30 -15.24 -23.75
CA MET A 317 15.70 -15.93 -22.52
C MET A 317 16.24 -17.33 -22.79
N ASP A 318 16.07 -17.84 -24.01
CA ASP A 318 16.38 -19.23 -24.31
C ASP A 318 17.82 -19.58 -23.92
N VAL A 319 18.78 -18.73 -24.26
CA VAL A 319 20.16 -19.00 -23.91
C VAL A 319 20.31 -19.22 -22.41
N PHE A 320 19.63 -18.38 -21.62
CA PHE A 320 19.78 -18.45 -20.15
C PHE A 320 19.18 -19.73 -19.61
N VAL A 321 17.99 -20.08 -20.08
CA VAL A 321 17.31 -21.27 -19.58
C VAL A 321 18.08 -22.51 -19.94
N ARG A 322 18.62 -22.55 -21.17
CA ARG A 322 19.43 -23.68 -21.59
C ARG A 322 20.69 -23.83 -20.74
N LYS A 323 21.40 -22.72 -20.47
CA LYS A 323 22.66 -22.84 -19.78
C LYS A 323 22.49 -23.10 -18.29
N PHE A 324 21.54 -22.42 -17.66
CA PHE A 324 21.39 -22.39 -16.21
C PHE A 324 20.22 -23.20 -15.69
N GLN A 325 19.27 -23.55 -16.53
CA GLN A 325 18.08 -24.29 -16.11
C GLN A 325 17.85 -25.46 -17.05
N PRO A 326 18.87 -26.26 -17.36
CA PRO A 326 18.67 -27.34 -18.32
C PRO A 326 17.57 -28.28 -17.92
N GLU A 327 17.29 -28.40 -16.64
CA GLU A 327 16.29 -29.35 -16.21
C GLU A 327 14.88 -28.85 -16.44
N ARG A 328 14.71 -27.56 -16.74
CA ARG A 328 13.38 -27.01 -17.01
C ARG A 328 13.20 -26.52 -18.44
N TYR A 329 14.23 -26.67 -19.29
CA TYR A 329 14.16 -26.11 -20.63
C TYR A 329 12.96 -26.66 -21.40
N LYS A 330 12.84 -27.98 -21.50
CA LYS A 330 11.80 -28.54 -22.35
C LYS A 330 10.43 -28.12 -21.83
N LEU A 331 10.23 -28.21 -20.51
CA LEU A 331 8.99 -27.78 -19.90
C LEU A 331 8.69 -26.32 -20.23
N TRP A 332 9.70 -25.46 -20.12
CA TRP A 332 9.49 -24.04 -20.38
C TRP A 332 9.09 -23.80 -21.83
N LYS A 333 9.73 -24.49 -22.77
CA LYS A 333 9.37 -24.32 -24.17
C LYS A 333 7.93 -24.74 -24.46
N ALA A 334 7.40 -25.69 -23.69
CA ALA A 334 6.02 -26.12 -23.85
C ALA A 334 5.04 -25.27 -23.06
N GLY A 335 5.51 -24.17 -22.46
CA GLY A 335 4.63 -23.34 -21.68
C GLY A 335 4.15 -23.95 -20.38
N LYS A 336 4.84 -24.95 -19.86
CA LYS A 336 4.39 -25.64 -18.66
C LYS A 336 5.32 -25.43 -17.48
N ASP A 337 6.24 -24.48 -17.54
CA ASP A 337 7.15 -24.21 -16.43
C ASP A 337 6.44 -23.26 -15.45
N ASN A 338 5.81 -23.84 -14.43
CA ASN A 338 4.98 -23.08 -13.48
C ASN A 338 5.79 -22.52 -12.32
N THR A 339 7.11 -22.36 -12.48
CA THR A 339 7.96 -21.88 -11.39
C THR A 339 7.42 -20.57 -10.79
N VAL A 340 7.53 -20.44 -9.47
CA VAL A 340 7.04 -19.26 -8.75
C VAL A 340 8.22 -18.52 -8.12
N ILE A 341 8.29 -17.21 -8.33
CA ILE A 341 9.40 -16.42 -7.79
C ILE A 341 9.15 -16.10 -6.31
N ASP A 342 10.16 -16.35 -5.50
CA ASP A 342 10.17 -15.91 -4.10
C ASP A 342 11.12 -14.72 -4.03
N HIS A 343 10.53 -13.51 -3.93
CA HIS A 343 11.33 -12.29 -4.02
C HIS A 343 12.28 -12.13 -2.85
N THR A 344 12.08 -12.86 -1.76
CA THR A 344 12.97 -12.68 -0.61
C THR A 344 14.27 -13.44 -0.77
N LEU A 345 14.32 -14.41 -1.67
CA LEU A 345 15.52 -15.25 -1.78
C LEU A 345 16.69 -14.48 -2.38
N PRO A 346 17.89 -14.62 -1.81
CA PRO A 346 19.08 -14.06 -2.45
C PRO A 346 19.54 -14.92 -3.62
N THR A 347 20.39 -14.33 -4.45
CA THR A 347 20.89 -15.05 -5.63
C THR A 347 21.81 -16.18 -5.17
N PRO A 348 21.83 -17.29 -5.91
CA PRO A 348 22.60 -18.47 -5.44
C PRO A 348 24.09 -18.21 -5.20
N GLU A 349 24.70 -17.24 -5.90
CA GLU A 349 26.12 -16.95 -5.72
C GLU A 349 26.44 -16.42 -4.32
N ALA A 350 25.41 -16.11 -3.52
CA ALA A 350 25.58 -15.54 -2.19
C ALA A 350 25.77 -16.60 -1.10
N ALA A 351 25.55 -17.88 -1.43
CA ALA A 351 25.60 -18.93 -0.43
C ALA A 351 26.90 -18.94 0.36
N GLU A 352 27.98 -18.40 -0.23
CA GLU A 352 29.24 -18.22 0.49
C GLU A 352 29.07 -17.87 1.96
N SER B 11 -11.05 2.88 -8.20
CA SER B 11 -11.62 3.86 -7.29
C SER B 11 -12.46 3.11 -6.24
N ALA B 12 -12.96 3.86 -5.25
CA ALA B 12 -13.57 3.27 -4.06
C ALA B 12 -12.59 2.39 -3.30
N ARG B 13 -11.30 2.72 -3.37
CA ARG B 13 -10.27 1.95 -2.68
C ARG B 13 -10.07 2.55 -1.28
N ILE B 14 -9.66 1.69 -0.35
CA ILE B 14 -9.49 2.09 1.04
C ILE B 14 -8.32 3.04 1.16
N MET B 15 -8.59 4.22 1.72
CA MET B 15 -7.60 5.24 2.02
C MET B 15 -7.09 5.16 3.44
N THR B 16 -5.84 5.58 3.58
CA THR B 16 -5.16 5.71 4.86
C THR B 16 -4.76 7.17 5.04
N PHE B 17 -4.97 7.67 6.25
CA PHE B 17 -4.74 9.07 6.61
C PHE B 17 -3.77 9.18 7.77
N TYR B 18 -2.96 10.23 7.76
CA TYR B 18 -1.90 10.43 8.74
C TYR B 18 -2.02 11.84 9.30
N PRO B 19 -3.03 12.07 10.16
CA PRO B 19 -3.23 13.42 10.71
C PRO B 19 -2.10 13.89 11.61
N THR B 20 -1.85 15.20 11.57
CA THR B 20 -1.03 15.84 12.56
C THR B 20 -1.79 15.88 13.89
N MET B 21 -1.08 16.26 14.96
CA MET B 21 -1.75 16.35 16.24
C MET B 21 -2.85 17.42 16.21
N GLU B 22 -2.58 18.58 15.60
CA GLU B 22 -3.60 19.61 15.53
C GLU B 22 -4.82 19.12 14.75
N GLU B 23 -4.58 18.43 13.62
CA GLU B 23 -5.68 17.91 12.82
C GLU B 23 -6.48 16.87 13.59
N PHE B 24 -5.81 16.13 14.45
CA PHE B 24 -6.36 14.99 15.17
C PHE B 24 -7.23 15.41 16.35
N ARG B 25 -7.06 16.63 16.86
CA ARG B 25 -7.75 17.01 18.09
C ARG B 25 -9.27 17.03 17.94
N ASN B 26 -9.77 17.47 16.79
CA ASN B 26 -11.22 17.61 16.59
C ASN B 26 -11.72 16.43 15.76
N PHE B 27 -12.35 15.47 16.43
CA PHE B 27 -12.72 14.22 15.79
C PHE B 27 -13.70 14.41 14.65
N SER B 28 -14.82 15.07 14.91
CA SER B 28 -15.88 15.17 13.92
C SER B 28 -15.40 15.94 12.70
N ARG B 29 -14.56 16.94 12.92
CA ARG B 29 -14.00 17.71 11.84
C ARG B 29 -13.02 16.88 10.99
N TYR B 30 -12.22 16.03 11.62
CA TYR B 30 -11.35 15.18 10.82
C TYR B 30 -12.18 14.17 10.01
N ILE B 31 -13.30 13.68 10.56
CA ILE B 31 -14.13 12.77 9.78
C ILE B 31 -14.66 13.50 8.55
N ALA B 32 -15.14 14.74 8.76
CA ALA B 32 -15.57 15.56 7.65
C ALA B 32 -14.47 15.70 6.62
N TYR B 33 -13.24 15.96 7.09
CA TYR B 33 -12.12 16.10 6.17
C TYR B 33 -11.93 14.83 5.34
N ILE B 34 -11.84 13.66 5.98
CA ILE B 34 -11.58 12.49 5.18
C ILE B 34 -12.71 12.23 4.19
N GLU B 35 -13.95 12.60 4.55
CA GLU B 35 -15.01 12.45 3.57
C GLU B 35 -14.82 13.45 2.42
N SER B 36 -14.28 14.65 2.70
CA SER B 36 -14.00 15.58 1.62
C SER B 36 -12.95 15.02 0.66
N GLN B 37 -12.16 14.05 1.11
CA GLN B 37 -11.20 13.35 0.29
C GLN B 37 -11.77 12.07 -0.33
N GLY B 38 -13.08 11.84 -0.15
CA GLY B 38 -13.73 10.67 -0.72
C GLY B 38 -13.53 9.38 0.03
N ALA B 39 -13.03 9.45 1.26
CA ALA B 39 -12.71 8.22 2.00
C ALA B 39 -13.94 7.32 2.16
N HIS B 40 -15.13 7.91 2.23
CA HIS B 40 -16.30 7.10 2.54
C HIS B 40 -16.73 6.20 1.39
N ARG B 41 -16.22 6.44 0.19
CA ARG B 41 -16.74 5.68 -0.92
C ARG B 41 -16.32 4.23 -0.83
N ALA B 42 -15.22 3.94 -0.16
CA ALA B 42 -14.79 2.55 0.02
C ALA B 42 -15.53 1.84 1.15
N GLY B 43 -16.18 2.59 2.05
CA GLY B 43 -16.85 1.99 3.20
C GLY B 43 -16.01 1.86 4.44
N LEU B 44 -14.72 1.98 4.30
CA LEU B 44 -13.71 1.69 5.31
C LEU B 44 -12.53 2.61 5.05
N ALA B 45 -11.99 3.18 6.13
CA ALA B 45 -10.75 3.94 6.06
C ALA B 45 -9.90 3.68 7.28
N LYS B 46 -8.59 3.83 7.10
CA LYS B 46 -7.61 3.69 8.16
C LYS B 46 -7.13 5.07 8.54
N VAL B 47 -7.03 5.33 9.85
CA VAL B 47 -6.41 6.55 10.36
C VAL B 47 -5.28 6.15 11.29
N VAL B 48 -4.07 6.58 10.96
CA VAL B 48 -2.90 6.36 11.82
C VAL B 48 -2.72 7.59 12.67
N PRO B 49 -2.77 7.49 14.00
CA PRO B 49 -2.70 8.67 14.82
C PRO B 49 -1.27 9.16 14.92
N PRO B 50 -1.09 10.43 15.28
CA PRO B 50 0.26 10.96 15.45
C PRO B 50 1.07 10.10 16.40
N LYS B 51 2.29 9.78 16.01
CA LYS B 51 3.23 9.01 16.80
C LYS B 51 3.25 9.46 18.27
N GLU B 52 2.90 10.73 18.48
CA GLU B 52 2.92 11.39 19.78
C GLU B 52 1.83 10.93 20.73
N TRP B 53 0.75 10.36 20.19
CA TRP B 53 -0.48 10.17 20.95
C TRP B 53 -0.59 8.74 21.45
N LYS B 54 -1.09 8.60 22.66
CA LYS B 54 -1.29 7.29 23.27
C LYS B 54 -2.53 7.31 24.16
N PRO B 55 -3.50 6.41 23.94
CA PRO B 55 -4.71 6.44 24.77
C PRO B 55 -4.53 5.82 26.14
N ARG B 56 -3.41 5.14 26.39
CA ARG B 56 -3.14 4.51 27.68
C ARG B 56 -1.64 4.35 27.80
N ALA B 57 -1.12 4.51 29.02
CA ALA B 57 0.32 4.49 29.21
C ALA B 57 0.88 3.07 29.10
N SER B 58 0.20 2.08 29.68
CA SER B 58 0.61 0.69 29.55
C SER B 58 -0.61 -0.21 29.68
N TYR B 59 -0.53 -1.39 29.04
CA TYR B 59 -1.56 -2.41 29.09
C TYR B 59 -1.17 -3.60 29.96
N ASP B 60 -0.38 -3.35 30.99
CA ASP B 60 0.07 -4.43 31.85
C ASP B 60 -0.72 -4.55 33.13
N ASP B 61 -1.81 -3.79 33.24
CA ASP B 61 -2.62 -3.79 34.45
C ASP B 61 -4.02 -4.34 34.20
N ILE B 62 -4.21 -5.11 33.12
CA ILE B 62 -5.54 -5.58 32.74
C ILE B 62 -5.67 -7.09 32.80
N ASP B 63 -4.67 -7.80 33.33
CA ASP B 63 -4.72 -9.25 33.30
C ASP B 63 -5.93 -9.80 34.04
N ASP B 64 -6.48 -9.07 35.02
CA ASP B 64 -7.64 -9.57 35.77
C ASP B 64 -8.99 -9.08 35.22
N LEU B 65 -8.96 -8.31 34.15
CA LEU B 65 -10.18 -7.92 33.46
C LEU B 65 -10.95 -9.18 33.04
N VAL B 66 -12.24 -9.14 33.28
CA VAL B 66 -13.14 -10.26 33.05
C VAL B 66 -13.79 -10.14 31.68
N ILE B 67 -13.71 -11.20 30.89
CA ILE B 67 -14.43 -11.41 29.63
C ILE B 67 -15.68 -12.24 29.93
N PRO B 68 -16.83 -11.61 30.11
CA PRO B 68 -17.98 -12.34 30.69
C PRO B 68 -18.56 -13.42 29.81
N ALA B 69 -18.45 -13.31 28.49
CA ALA B 69 -19.18 -14.17 27.57
C ALA B 69 -18.33 -14.48 26.33
N PRO B 70 -17.21 -15.14 26.52
CA PRO B 70 -16.42 -15.58 25.36
C PRO B 70 -17.27 -16.49 24.49
N ILE B 71 -16.95 -16.46 23.20
CA ILE B 71 -17.76 -17.08 22.17
C ILE B 71 -16.88 -18.03 21.40
N GLN B 72 -17.21 -19.32 21.46
CA GLN B 72 -16.58 -20.28 20.55
C GLN B 72 -17.27 -20.21 19.20
N GLN B 73 -16.47 -20.09 18.14
CA GLN B 73 -17.01 -19.78 16.79
C GLN B 73 -16.96 -21.05 15.95
N LEU B 74 -18.10 -21.76 15.88
CA LEU B 74 -18.23 -22.89 14.97
C LEU B 74 -18.62 -22.41 13.58
N VAL B 75 -18.02 -22.97 12.54
CA VAL B 75 -18.33 -22.52 11.18
C VAL B 75 -18.63 -23.72 10.29
N THR B 76 -19.70 -23.63 9.47
CA THR B 76 -20.06 -24.73 8.56
C THR B 76 -20.24 -24.14 7.18
N GLY B 77 -19.79 -24.84 6.15
CA GLY B 77 -19.95 -24.33 4.79
C GLY B 77 -18.90 -24.85 3.83
N GLN B 78 -18.98 -24.35 2.60
CA GLN B 78 -18.13 -24.85 1.54
C GLN B 78 -18.10 -23.79 0.45
N SER B 79 -17.12 -23.91 -0.43
CA SER B 79 -17.13 -23.13 -1.67
C SER B 79 -17.18 -21.63 -1.39
N GLY B 80 -16.49 -21.20 -0.34
CA GLY B 80 -16.39 -19.79 -0.02
C GLY B 80 -17.58 -19.18 0.73
N LEU B 81 -18.61 -19.97 1.05
CA LEU B 81 -19.82 -19.50 1.72
C LEU B 81 -20.01 -20.27 3.02
N PHE B 82 -20.16 -19.54 4.11
CA PHE B 82 -20.16 -20.18 5.43
C PHE B 82 -21.14 -19.47 6.35
N THR B 83 -21.63 -20.24 7.34
CA THR B 83 -22.46 -19.77 8.45
C THR B 83 -21.74 -20.02 9.75
N GLN B 84 -21.66 -18.99 10.58
CA GLN B 84 -20.99 -19.08 11.88
C GLN B 84 -22.02 -19.20 13.00
N TYR B 85 -21.83 -20.20 13.86
CA TYR B 85 -22.66 -20.46 15.00
C TYR B 85 -21.86 -20.21 16.26
N ASN B 86 -22.46 -19.51 17.21
CA ASN B 86 -21.83 -19.15 18.47
C ASN B 86 -22.16 -20.14 19.56
N ILE B 87 -21.14 -20.55 20.30
CA ILE B 87 -21.30 -21.27 21.54
C ILE B 87 -20.70 -20.40 22.64
N GLN B 88 -21.53 -19.96 23.57
CA GLN B 88 -21.03 -19.16 24.68
C GLN B 88 -20.32 -20.06 25.68
N LYS B 89 -19.12 -19.67 26.03
CA LYS B 89 -18.34 -20.38 27.03
C LYS B 89 -18.39 -19.60 28.32
N LYS B 90 -17.82 -20.22 29.37
CA LYS B 90 -17.82 -19.60 30.68
C LYS B 90 -16.90 -18.38 30.70
N ALA B 91 -17.22 -17.45 31.60
CA ALA B 91 -16.43 -16.23 31.72
C ALA B 91 -14.99 -16.57 32.02
N MET B 92 -14.09 -15.74 31.52
CA MET B 92 -12.67 -15.92 31.82
C MET B 92 -11.98 -14.56 31.90
N THR B 93 -10.86 -14.53 32.60
CA THR B 93 -10.06 -13.32 32.65
C THR B 93 -9.19 -13.13 31.39
N VAL B 94 -8.71 -11.90 31.22
CA VAL B 94 -7.80 -11.66 30.10
C VAL B 94 -6.59 -12.58 30.22
N ARG B 95 -6.17 -12.89 31.45
CA ARG B 95 -5.00 -13.75 31.63
C ARG B 95 -5.28 -15.16 31.11
N GLU B 96 -6.42 -15.72 31.51
CA GLU B 96 -6.82 -17.04 31.01
C GLU B 96 -6.93 -17.04 29.51
N PHE B 97 -7.53 -15.98 28.94
CA PHE B 97 -7.72 -15.90 27.49
C PHE B 97 -6.40 -15.82 26.74
N ARG B 98 -5.50 -14.91 27.17
CA ARG B 98 -4.23 -14.80 26.47
C ARG B 98 -3.49 -16.15 26.48
N LYS B 99 -3.52 -16.85 27.60
CA LYS B 99 -2.86 -18.15 27.68
C LYS B 99 -3.40 -19.10 26.61
N ILE B 100 -4.73 -19.22 26.51
CA ILE B 100 -5.35 -20.03 25.45
C ILE B 100 -4.90 -19.56 24.09
N ALA B 101 -5.00 -18.25 23.82
CA ALA B 101 -4.74 -17.75 22.49
C ALA B 101 -3.33 -18.09 22.02
N ASN B 102 -2.38 -18.09 22.93
CA ASN B 102 -0.99 -18.26 22.57
C ASN B 102 -0.55 -19.71 22.65
N SER B 103 -1.43 -20.59 23.11
CA SER B 103 -1.12 -22.01 23.16
C SER B 103 -0.95 -22.60 21.76
N ASP B 104 -0.31 -23.77 21.69
CA ASP B 104 -0.08 -24.34 20.38
C ASP B 104 -1.39 -24.71 19.70
N LYS B 105 -2.41 -25.08 20.47
CA LYS B 105 -3.68 -25.44 19.85
C LYS B 105 -4.27 -24.28 19.05
N TYR B 106 -4.16 -23.04 19.57
CA TYR B 106 -4.84 -21.88 19.01
C TYR B 106 -3.92 -20.84 18.39
N CYS B 107 -2.62 -20.91 18.59
CA CYS B 107 -1.74 -19.84 18.14
C CYS B 107 -1.66 -19.71 16.62
N THR B 108 -1.19 -18.53 16.20
CA THR B 108 -1.05 -18.25 14.78
C THR B 108 -0.13 -19.25 14.11
N PRO B 109 -0.44 -19.71 12.90
CA PRO B 109 0.47 -20.59 12.15
C PRO B 109 1.61 -19.82 11.49
N ARG B 110 2.60 -20.58 10.98
CA ARG B 110 3.69 -19.96 10.24
C ARG B 110 3.18 -19.37 8.92
N TYR B 111 3.74 -18.22 8.52
CA TYR B 111 3.39 -17.62 7.25
C TYR B 111 4.55 -16.74 6.80
N SER B 112 4.69 -16.61 5.48
CA SER B 112 5.73 -15.76 4.91
C SER B 112 5.24 -14.37 4.55
N GLU B 113 3.93 -14.19 4.39
CA GLU B 113 3.36 -12.86 4.17
C GLU B 113 1.84 -13.02 4.27
N PHE B 114 1.15 -11.88 4.20
CA PHE B 114 -0.27 -11.87 4.52
C PHE B 114 -1.09 -12.66 3.51
N GLU B 115 -0.62 -12.77 2.27
CA GLU B 115 -1.30 -13.59 1.27
C GLU B 115 -1.41 -15.03 1.76
N GLU B 116 -0.34 -15.55 2.34
CA GLU B 116 -0.37 -16.93 2.80
C GLU B 116 -1.25 -17.09 4.04
N LEU B 117 -1.20 -16.12 4.96
CA LEU B 117 -2.05 -16.22 6.14
C LEU B 117 -3.53 -16.14 5.75
N GLU B 118 -3.89 -15.20 4.87
CA GLU B 118 -5.23 -15.14 4.34
C GLU B 118 -5.64 -16.48 3.74
N ARG B 119 -4.79 -17.10 2.94
CA ARG B 119 -5.15 -18.42 2.42
C ARG B 119 -5.35 -19.43 3.55
N LYS B 120 -4.50 -19.42 4.58
CA LYS B 120 -4.66 -20.35 5.69
C LYS B 120 -5.98 -20.09 6.45
N TYR B 121 -6.36 -18.82 6.59
CA TYR B 121 -7.64 -18.52 7.22
C TYR B 121 -8.81 -19.14 6.46
N TRP B 122 -8.93 -18.84 5.18
CA TRP B 122 -10.07 -19.37 4.43
C TRP B 122 -10.01 -20.89 4.22
N LYS B 123 -8.84 -21.51 4.28
CA LYS B 123 -8.77 -22.97 4.16
C LYS B 123 -9.11 -23.66 5.46
N ASN B 124 -8.85 -23.02 6.61
CA ASN B 124 -9.02 -23.66 7.90
C ASN B 124 -10.14 -23.06 8.75
N LEU B 125 -10.94 -22.21 8.14
CA LEU B 125 -12.04 -21.50 8.80
C LEU B 125 -12.93 -22.44 9.58
N THR B 126 -13.24 -23.61 8.99
CA THR B 126 -14.20 -24.48 9.60
C THR B 126 -13.59 -25.52 10.56
N PHE B 127 -12.28 -25.55 10.72
CA PHE B 127 -11.60 -26.47 11.63
C PHE B 127 -11.16 -25.77 12.92
N ASN B 128 -11.02 -26.57 13.99
CA ASN B 128 -10.45 -26.09 15.25
CA ASN B 128 -10.49 -26.12 15.28
C ASN B 128 -11.06 -24.75 15.63
N PRO B 129 -12.34 -24.72 15.98
CA PRO B 129 -13.03 -23.42 16.26
C PRO B 129 -12.32 -22.64 17.35
N PRO B 130 -12.09 -21.37 17.12
CA PRO B 130 -11.45 -20.51 18.12
C PRO B 130 -12.44 -19.87 19.08
N ILE B 131 -11.92 -19.12 20.07
CA ILE B 131 -12.75 -18.45 21.07
C ILE B 131 -12.47 -16.96 20.94
N TYR B 132 -13.55 -16.16 20.81
CA TYR B 132 -13.47 -14.72 20.63
C TYR B 132 -14.00 -14.05 21.90
N GLY B 133 -13.16 -13.22 22.55
CA GLY B 133 -13.62 -12.51 23.74
C GLY B 133 -14.36 -11.27 23.29
N ALA B 134 -15.54 -11.46 22.70
CA ALA B 134 -16.23 -10.35 22.06
C ALA B 134 -17.23 -9.63 22.95
N ASP B 135 -17.56 -8.40 22.54
CA ASP B 135 -18.65 -7.62 23.13
C ASP B 135 -18.50 -7.41 24.64
N VAL B 136 -17.31 -7.01 25.06
CA VAL B 136 -17.04 -6.77 26.46
C VAL B 136 -17.30 -5.29 26.74
N ASN B 137 -18.22 -5.00 27.64
CA ASN B 137 -18.49 -3.62 28.00
C ASN B 137 -17.25 -3.04 28.67
N GLY B 138 -16.67 -2.01 28.09
CA GLY B 138 -15.57 -1.33 28.75
C GLY B 138 -14.72 -0.55 27.79
N THR B 139 -13.75 0.15 28.36
CA THR B 139 -12.83 1.01 27.62
C THR B 139 -11.46 0.80 28.21
N LEU B 140 -10.44 0.89 27.36
CA LEU B 140 -9.07 0.91 27.87
C LEU B 140 -8.45 2.29 27.80
N TYR B 141 -9.21 3.30 27.39
CA TYR B 141 -8.69 4.66 27.40
C TYR B 141 -8.54 5.16 28.83
N GLU B 142 -7.43 5.83 29.10
CA GLU B 142 -7.26 6.58 30.34
C GLU B 142 -8.21 7.78 30.35
N LYS B 143 -8.64 8.12 31.56
CA LYS B 143 -9.75 9.01 31.84
C LYS B 143 -9.62 10.35 31.16
N HIS B 144 -8.40 10.87 31.06
CA HIS B 144 -8.19 12.25 30.65
C HIS B 144 -7.81 12.38 29.20
N VAL B 145 -7.90 11.31 28.41
CA VAL B 145 -7.55 11.40 27.00
C VAL B 145 -8.73 12.05 26.28
N ASP B 146 -8.49 13.24 25.74
CA ASP B 146 -9.55 14.01 25.11
C ASP B 146 -9.62 13.81 23.60
N GLU B 147 -8.68 13.11 22.99
CA GLU B 147 -8.61 13.01 21.53
C GLU B 147 -9.03 11.60 21.12
N TRP B 148 -10.04 11.53 20.24
CA TRP B 148 -10.50 10.26 19.69
C TRP B 148 -10.84 9.26 20.79
N ASN B 149 -11.46 9.75 21.87
CA ASN B 149 -11.82 8.87 22.97
C ASN B 149 -13.14 8.15 22.67
N ILE B 150 -13.04 6.84 22.45
CA ILE B 150 -14.15 6.03 21.97
C ILE B 150 -15.31 6.05 22.95
N GLY B 151 -15.06 6.30 24.22
CA GLY B 151 -16.13 6.40 25.20
C GLY B 151 -16.87 7.72 25.24
N ARG B 152 -16.40 8.74 24.52
CA ARG B 152 -17.00 10.05 24.57
C ARG B 152 -16.57 10.85 23.34
N LEU B 153 -17.02 10.43 22.16
CA LEU B 153 -16.67 11.11 20.92
C LEU B 153 -17.43 12.40 20.73
N ARG B 154 -18.57 12.54 21.40
CA ARG B 154 -19.37 13.78 21.34
C ARG B 154 -19.83 14.09 19.92
N THR B 155 -20.36 13.09 19.23
CA THR B 155 -21.07 13.34 17.98
C THR B 155 -22.57 13.44 18.24
N ILE B 156 -23.31 13.77 17.18
CA ILE B 156 -24.75 13.93 17.34
C ILE B 156 -25.45 12.63 17.69
N LEU B 157 -24.78 11.48 17.57
CA LEU B 157 -25.40 10.27 18.09
C LEU B 157 -25.79 10.42 19.54
N ASP B 158 -25.09 11.29 20.27
CA ASP B 158 -25.40 11.44 21.70
C ASP B 158 -26.81 11.94 21.96
N LEU B 159 -27.48 12.48 20.94
CA LEU B 159 -28.85 12.94 21.11
C LEU B 159 -29.79 11.79 21.44
N VAL B 160 -29.37 10.55 21.18
CA VAL B 160 -30.12 9.40 21.64
C VAL B 160 -30.05 9.30 23.17
N GLU B 161 -28.86 9.50 23.75
CA GLU B 161 -28.73 9.47 25.20
C GLU B 161 -29.38 10.69 25.83
N LYS B 162 -28.93 11.89 25.40
CA LYS B 162 -29.39 13.14 26.00
C LYS B 162 -30.91 13.21 26.03
N GLU B 163 -31.54 12.77 24.95
CA GLU B 163 -32.99 12.70 24.87
C GLU B 163 -33.43 11.27 25.12
N SER B 164 -34.30 11.08 26.12
CA SER B 164 -34.87 9.80 26.49
C SER B 164 -33.87 8.89 27.19
N GLY B 165 -32.70 9.41 27.56
CA GLY B 165 -31.81 8.72 28.46
C GLY B 165 -31.39 7.32 28.06
N ILE B 166 -31.65 6.94 26.81
CA ILE B 166 -31.36 5.58 26.38
C ILE B 166 -29.85 5.39 26.24
N THR B 167 -29.37 4.25 26.70
CA THR B 167 -28.01 3.80 26.49
C THR B 167 -28.08 2.48 25.75
N ILE B 168 -27.31 2.33 24.69
CA ILE B 168 -27.30 1.12 23.89
C ILE B 168 -25.87 0.63 23.85
N GLU B 169 -25.57 -0.41 24.63
CA GLU B 169 -24.19 -0.82 24.80
C GLU B 169 -23.64 -1.36 23.49
N GLY B 170 -22.36 -1.08 23.26
CA GLY B 170 -21.74 -1.28 21.98
C GLY B 170 -22.07 -0.23 20.94
N VAL B 171 -23.15 0.55 21.14
CA VAL B 171 -23.64 1.47 20.12
C VAL B 171 -23.30 2.92 20.47
N ASN B 172 -23.83 3.44 21.57
CA ASN B 172 -23.30 4.68 22.13
CA ASN B 172 -23.29 4.68 22.13
C ASN B 172 -22.37 4.44 23.32
N THR B 173 -21.95 3.19 23.54
CA THR B 173 -20.97 2.90 24.57
C THR B 173 -19.95 1.94 23.99
N PRO B 174 -18.78 1.84 24.62
CA PRO B 174 -17.67 1.09 24.03
C PRO B 174 -17.71 -0.39 24.35
N TYR B 175 -17.22 -1.17 23.39
CA TYR B 175 -17.04 -2.61 23.51
C TYR B 175 -15.57 -2.92 23.28
N LEU B 176 -15.04 -3.89 24.02
CA LEU B 176 -13.72 -4.46 23.78
C LEU B 176 -13.86 -5.82 23.14
N TYR B 177 -12.89 -6.16 22.30
CA TYR B 177 -12.84 -7.40 21.53
C TYR B 177 -11.45 -7.99 21.71
N PHE B 178 -11.36 -9.08 22.44
CA PHE B 178 -10.11 -9.80 22.64
C PHE B 178 -10.06 -10.95 21.64
N GLY B 179 -9.13 -10.87 20.69
CA GLY B 179 -9.05 -11.78 19.57
C GLY B 179 -7.98 -12.83 19.77
N MET B 180 -8.12 -13.95 19.07
CA MET B 180 -7.05 -14.92 18.86
C MET B 180 -7.06 -15.26 17.38
N TRP B 181 -6.06 -16.01 16.93
CA TRP B 181 -5.96 -16.35 15.52
C TRP B 181 -7.27 -16.95 15.04
N LYS B 182 -7.72 -16.50 13.88
CA LYS B 182 -8.81 -17.11 13.14
C LYS B 182 -10.18 -16.75 13.71
N THR B 183 -10.27 -15.94 14.77
CA THR B 183 -11.54 -15.37 15.18
C THR B 183 -12.01 -14.39 14.11
N SER B 184 -13.32 -14.35 13.89
CA SER B 184 -13.88 -13.71 12.71
C SER B 184 -14.98 -12.72 13.08
N PHE B 185 -15.19 -11.74 12.22
CA PHE B 185 -16.41 -10.93 12.25
C PHE B 185 -17.06 -11.04 10.87
N ALA B 186 -18.28 -11.54 10.85
CA ALA B 186 -19.01 -11.77 9.61
C ALA B 186 -19.41 -10.45 8.94
N TRP B 187 -19.89 -10.60 7.72
CA TRP B 187 -20.28 -9.46 6.90
C TRP B 187 -21.47 -8.75 7.49
N HIS B 188 -21.39 -7.41 7.60
CA HIS B 188 -22.47 -6.62 8.16
C HIS B 188 -22.21 -5.15 7.91
N THR B 189 -23.27 -4.34 7.98
CA THR B 189 -23.20 -2.91 8.31
C THR B 189 -23.54 -2.72 9.79
N GLU B 190 -23.26 -1.51 10.29
CA GLU B 190 -23.58 -1.21 11.68
C GLU B 190 -25.08 -1.15 11.91
N ASP B 191 -25.48 -1.28 13.16
CA ASP B 191 -26.88 -1.08 13.47
C ASP B 191 -27.26 0.33 13.02
N MET B 192 -28.46 0.43 12.47
CA MET B 192 -29.00 1.67 11.92
C MET B 192 -28.11 2.27 10.84
N ASP B 193 -27.24 1.44 10.23
CA ASP B 193 -26.25 1.85 9.25
C ASP B 193 -25.45 3.05 9.74
N LEU B 194 -25.09 3.03 11.01
CA LEU B 194 -24.20 4.00 11.62
C LEU B 194 -22.76 3.88 11.11
N TYR B 195 -21.97 4.91 11.39
CA TYR B 195 -20.52 4.74 11.37
C TYR B 195 -20.07 3.90 12.57
N SER B 196 -18.88 3.30 12.44
CA SER B 196 -18.19 2.79 13.61
C SER B 196 -16.76 3.28 13.59
N ILE B 197 -16.17 3.31 14.77
CA ILE B 197 -14.75 3.51 14.98
C ILE B 197 -14.20 2.29 15.72
N ASN B 198 -12.98 1.91 15.40
CA ASN B 198 -12.37 0.68 15.90
C ASN B 198 -10.89 0.95 16.10
N TYR B 199 -10.42 0.81 17.34
CA TYR B 199 -9.02 1.04 17.62
C TYR B 199 -8.37 -0.24 18.08
N LEU B 200 -7.23 -0.59 17.47
CA LEU B 200 -6.50 -1.79 17.87
C LEU B 200 -5.48 -1.36 18.92
N HIS B 201 -5.80 -1.62 20.18
CA HIS B 201 -5.00 -1.21 21.34
C HIS B 201 -3.64 -1.87 21.38
N PHE B 202 -3.62 -3.18 21.20
CA PHE B 202 -2.35 -3.91 21.20
C PHE B 202 -2.53 -5.26 20.54
N GLY B 203 -1.40 -5.89 20.21
CA GLY B 203 -1.39 -7.28 19.78
C GLY B 203 -1.18 -7.45 18.29
N GLU B 204 -1.53 -8.64 17.82
CA GLU B 204 -1.39 -9.00 16.44
C GLU B 204 -2.46 -8.29 15.59
N PRO B 205 -2.29 -8.29 14.28
CA PRO B 205 -3.17 -7.45 13.43
C PRO B 205 -4.58 -7.99 13.28
N LYS B 206 -5.42 -7.11 12.74
CA LYS B 206 -6.81 -7.39 12.38
C LYS B 206 -6.97 -7.06 10.91
N SER B 207 -7.36 -8.07 10.12
CA SER B 207 -7.57 -7.91 8.69
C SER B 207 -9.03 -7.63 8.38
N TRP B 208 -9.24 -6.77 7.41
CA TRP B 208 -10.58 -6.36 7.00
C TRP B 208 -10.85 -6.48 5.51
N TYR B 209 -12.09 -6.83 5.18
CA TYR B 209 -12.63 -6.69 3.83
C TYR B 209 -13.73 -5.63 3.86
N SER B 210 -13.84 -4.85 2.80
CA SER B 210 -14.93 -3.88 2.67
C SER B 210 -15.53 -3.81 1.28
N VAL B 211 -16.84 -3.58 1.24
CA VAL B 211 -17.60 -3.38 0.00
C VAL B 211 -18.08 -1.93 -0.01
N PRO B 212 -17.87 -1.19 -1.08
CA PRO B 212 -18.34 0.21 -1.16
C PRO B 212 -19.84 0.33 -0.94
N PRO B 213 -20.28 1.30 -0.11
CA PRO B 213 -21.72 1.52 0.07
C PRO B 213 -22.48 1.57 -1.24
N GLU B 214 -21.89 2.17 -2.30
CA GLU B 214 -22.61 2.24 -3.56
C GLU B 214 -22.76 0.90 -4.24
N HIS B 215 -22.18 -0.16 -3.70
CA HIS B 215 -22.43 -1.50 -4.22
C HIS B 215 -22.92 -2.49 -3.17
N GLY B 216 -23.33 -2.01 -1.99
CA GLY B 216 -23.74 -2.95 -0.94
C GLY B 216 -24.99 -3.69 -1.33
N LYS B 217 -25.84 -3.10 -2.16
CA LYS B 217 -27.03 -3.82 -2.59
C LYS B 217 -26.63 -5.06 -3.38
N ARG B 218 -25.51 -4.98 -4.12
CA ARG B 218 -25.04 -6.15 -4.87
C ARG B 218 -24.62 -7.27 -3.93
N LEU B 219 -23.97 -6.94 -2.82
CA LEU B 219 -23.63 -7.99 -1.85
C LEU B 219 -24.89 -8.59 -1.24
N GLU B 220 -25.90 -7.78 -0.93
CA GLU B 220 -27.15 -8.31 -0.38
C GLU B 220 -27.84 -9.26 -1.35
N ARG B 221 -27.82 -8.95 -2.64
CA ARG B 221 -28.47 -9.82 -3.61
C ARG B 221 -27.78 -11.18 -3.67
N LEU B 222 -26.45 -11.17 -3.64
CA LEU B 222 -25.71 -12.42 -3.64
C LEU B 222 -26.03 -13.25 -2.40
N ALA B 223 -25.92 -12.63 -1.21
CA ALA B 223 -26.23 -13.35 0.01
C ALA B 223 -27.63 -13.92 0.00
N LYS B 224 -28.61 -13.17 -0.51
CA LYS B 224 -29.98 -13.69 -0.53
C LYS B 224 -30.11 -14.85 -1.51
N GLY B 225 -29.33 -14.84 -2.58
CA GLY B 225 -29.35 -15.97 -3.50
C GLY B 225 -28.80 -17.25 -2.89
N PHE B 226 -27.77 -17.13 -2.06
CA PHE B 226 -27.18 -18.34 -1.48
C PHE B 226 -27.79 -18.75 -0.15
N PHE B 227 -28.52 -17.88 0.52
CA PHE B 227 -29.17 -18.20 1.79
C PHE B 227 -30.64 -17.84 1.72
N PRO B 228 -31.35 -18.41 0.74
CA PRO B 228 -32.76 -18.03 0.54
C PRO B 228 -33.63 -18.34 1.73
N GLY B 229 -33.32 -19.40 2.48
CA GLY B 229 -34.08 -19.69 3.68
C GLY B 229 -33.95 -18.59 4.70
N SER B 230 -32.71 -18.13 4.93
CA SER B 230 -32.49 -17.01 5.83
C SER B 230 -33.16 -15.75 5.30
N ALA B 231 -33.00 -15.47 4.01
CA ALA B 231 -33.62 -14.28 3.41
C ALA B 231 -35.13 -14.31 3.60
N GLN B 232 -35.72 -15.49 3.55
CA GLN B 232 -37.16 -15.65 3.72
C GLN B 232 -37.59 -15.38 5.15
N SER B 233 -36.75 -15.74 6.12
CA SER B 233 -37.08 -15.58 7.53
C SER B 233 -36.86 -14.16 8.04
N CYS B 234 -35.86 -13.44 7.53
CA CYS B 234 -35.58 -12.11 7.99
C CYS B 234 -35.18 -11.25 6.81
N GLU B 235 -35.69 -10.01 6.78
CA GLU B 235 -35.39 -9.08 5.70
C GLU B 235 -33.99 -8.48 5.78
N ALA B 236 -33.26 -8.70 6.87
CA ALA B 236 -31.92 -8.18 7.01
C ALA B 236 -31.06 -9.17 7.80
N PHE B 237 -30.96 -10.41 7.31
CA PHE B 237 -30.32 -11.47 8.09
C PHE B 237 -28.81 -11.29 8.21
N LEU B 238 -28.19 -10.48 7.34
CA LEU B 238 -26.76 -10.20 7.50
C LEU B 238 -26.47 -9.52 8.83
N ARG B 239 -27.45 -8.79 9.38
CA ARG B 239 -27.31 -8.14 10.68
C ARG B 239 -27.17 -9.15 11.80
N HIS B 240 -27.51 -10.41 11.55
CA HIS B 240 -27.25 -11.46 12.54
C HIS B 240 -25.76 -11.70 12.73
N LYS B 241 -24.96 -11.22 11.80
CA LYS B 241 -23.51 -11.32 11.85
C LYS B 241 -23.07 -12.77 11.88
N MET B 242 -23.74 -13.59 11.06
CA MET B 242 -23.38 -15.02 10.97
C MET B 242 -22.90 -15.45 9.59
N THR B 243 -22.81 -14.55 8.64
CA THR B 243 -22.55 -14.93 7.25
C THR B 243 -21.14 -14.58 6.83
N LEU B 244 -20.34 -15.60 6.51
CA LEU B 244 -18.97 -15.43 6.03
C LEU B 244 -18.88 -15.73 4.55
N ILE B 245 -18.20 -14.86 3.80
CA ILE B 245 -18.08 -14.98 2.34
C ILE B 245 -16.64 -14.68 1.94
N SER B 246 -16.01 -15.61 1.27
CA SER B 246 -14.61 -15.42 0.98
C SER B 246 -14.41 -14.41 -0.16
N PRO B 247 -13.24 -13.78 -0.20
CA PRO B 247 -12.97 -12.84 -1.30
C PRO B 247 -12.89 -13.52 -2.68
N LEU B 248 -12.62 -14.83 -2.73
CA LEU B 248 -12.66 -15.50 -4.02
C LEU B 248 -14.08 -15.54 -4.58
N MET B 249 -15.10 -15.65 -3.71
CA MET B 249 -16.49 -15.66 -4.17
C MET B 249 -16.95 -14.25 -4.54
N LEU B 250 -16.51 -13.24 -3.78
CA LEU B 250 -16.80 -11.88 -4.18
C LEU B 250 -16.23 -11.62 -5.59
N LYS B 251 -14.96 -11.99 -5.79
CA LYS B 251 -14.34 -11.81 -7.11
C LYS B 251 -15.07 -12.62 -8.17
N LYS B 252 -15.40 -13.88 -7.86
CA LYS B 252 -16.10 -14.74 -8.81
C LYS B 252 -17.42 -14.11 -9.27
N TYR B 253 -18.17 -13.50 -8.33
CA TYR B 253 -19.51 -12.97 -8.61
C TYR B 253 -19.52 -11.49 -8.89
N GLY B 254 -18.34 -10.87 -9.04
CA GLY B 254 -18.26 -9.50 -9.49
C GLY B 254 -18.54 -8.45 -8.46
N ILE B 255 -18.50 -8.78 -7.17
CA ILE B 255 -18.73 -7.79 -6.11
C ILE B 255 -17.46 -6.97 -5.93
N PRO B 256 -17.47 -5.68 -6.17
CA PRO B 256 -16.27 -4.88 -5.87
C PRO B 256 -16.01 -4.87 -4.36
N PHE B 257 -14.75 -4.95 -4.01
CA PHE B 257 -14.37 -4.97 -2.60
C PHE B 257 -12.91 -4.59 -2.53
N ASP B 258 -12.46 -4.24 -1.33
CA ASP B 258 -11.05 -3.98 -1.03
C ASP B 258 -10.70 -4.66 0.28
N LYS B 259 -9.42 -4.61 0.66
CA LYS B 259 -8.94 -5.30 1.82
C LYS B 259 -7.81 -4.46 2.41
N VAL B 260 -7.70 -4.55 3.74
CA VAL B 260 -6.70 -3.80 4.48
C VAL B 260 -6.45 -4.50 5.80
N THR B 261 -5.21 -4.39 6.30
CA THR B 261 -4.86 -4.91 7.60
C THR B 261 -4.52 -3.78 8.56
N GLN B 262 -5.12 -3.87 9.73
CA GLN B 262 -5.00 -2.89 10.80
C GLN B 262 -3.94 -3.39 11.76
N GLU B 263 -2.91 -2.58 12.04
CA GLU B 263 -1.88 -2.90 13.02
C GLU B 263 -2.19 -2.26 14.37
N ALA B 264 -1.56 -2.74 15.44
CA ALA B 264 -1.74 -2.15 16.75
C ALA B 264 -1.46 -0.64 16.67
N GLY B 265 -2.26 0.14 17.40
CA GLY B 265 -2.12 1.59 17.34
C GLY B 265 -2.82 2.30 16.23
N GLU B 266 -3.59 1.61 15.38
CA GLU B 266 -4.29 2.27 14.29
C GLU B 266 -5.80 2.22 14.48
N PHE B 267 -6.46 3.21 13.89
CA PHE B 267 -7.92 3.25 13.84
C PHE B 267 -8.44 2.80 12.46
N MET B 268 -9.58 2.11 12.47
CA MET B 268 -10.37 1.91 11.28
C MET B 268 -11.70 2.62 11.48
N ILE B 269 -12.14 3.32 10.44
CA ILE B 269 -13.46 3.95 10.41
C ILE B 269 -14.30 3.18 9.41
N THR B 270 -15.51 2.74 9.83
CA THR B 270 -16.49 2.30 8.86
C THR B 270 -17.58 3.34 8.66
N PHE B 271 -18.06 3.39 7.43
CA PHE B 271 -18.99 4.41 7.04
C PHE B 271 -20.39 3.87 6.87
N PRO B 272 -21.38 4.76 6.90
CA PRO B 272 -22.77 4.29 6.74
C PRO B 272 -22.97 3.41 5.53
N TYR B 273 -23.60 2.26 5.79
CA TYR B 273 -23.91 1.26 4.79
C TYR B 273 -22.65 0.66 4.15
N GLY B 274 -21.51 0.75 4.83
CA GLY B 274 -20.31 0.06 4.44
C GLY B 274 -20.23 -1.34 5.02
N TYR B 275 -20.48 -2.34 4.19
CA TYR B 275 -20.35 -3.74 4.59
C TYR B 275 -18.87 -4.09 4.82
N HIS B 276 -18.62 -4.76 5.93
CA HIS B 276 -17.27 -5.15 6.29
C HIS B 276 -17.29 -6.50 6.99
N ALA B 277 -16.12 -7.13 6.95
CA ALA B 277 -15.90 -8.43 7.56
C ALA B 277 -14.39 -8.58 7.73
N GLY B 278 -13.99 -9.56 8.54
CA GLY B 278 -12.58 -9.79 8.71
C GLY B 278 -12.23 -10.84 9.72
N PHE B 279 -10.95 -10.79 10.14
CA PHE B 279 -10.44 -11.82 11.04
C PHE B 279 -9.17 -11.32 11.73
N ASN B 280 -8.92 -11.90 12.88
CA ASN B 280 -7.77 -11.52 13.70
C ASN B 280 -6.61 -12.47 13.43
N HIS B 281 -5.39 -11.93 13.49
CA HIS B 281 -4.18 -12.74 13.21
C HIS B 281 -3.67 -13.51 14.44
N GLY B 282 -3.96 -13.04 15.65
CA GLY B 282 -3.43 -13.64 16.86
C GLY B 282 -4.01 -12.89 18.03
N PHE B 283 -3.44 -13.10 19.22
CA PHE B 283 -3.94 -12.42 20.42
C PHE B 283 -3.88 -10.92 20.23
N ASN B 284 -5.01 -10.23 20.48
CA ASN B 284 -5.06 -8.78 20.31
C ASN B 284 -6.27 -8.22 21.07
N CYS B 285 -6.42 -6.90 21.02
CA CYS B 285 -7.55 -6.31 21.72
C CYS B 285 -7.91 -5.01 21.02
N ALA B 286 -9.17 -4.92 20.59
CA ALA B 286 -9.71 -3.77 19.91
C ALA B 286 -10.86 -3.18 20.72
N GLU B 287 -11.11 -1.90 20.49
CA GLU B 287 -12.18 -1.17 21.17
C GLU B 287 -13.00 -0.52 20.08
N SER B 288 -14.32 -0.60 20.18
CA SER B 288 -15.18 -0.19 19.06
C SER B 288 -16.43 0.50 19.60
N THR B 289 -16.99 1.42 18.82
CA THR B 289 -18.32 1.94 19.11
C THR B 289 -18.87 2.56 17.85
N ASN B 290 -20.13 2.95 17.90
CA ASN B 290 -20.75 3.66 16.78
C ASN B 290 -20.74 5.17 16.99
N PHE B 291 -20.88 5.90 15.89
CA PHE B 291 -21.05 7.34 15.94
C PHE B 291 -21.78 7.79 14.71
N ALA B 292 -22.14 9.07 14.69
CA ALA B 292 -22.89 9.64 13.58
C ALA B 292 -22.30 10.97 13.16
N THR B 293 -22.69 11.37 11.94
CA THR B 293 -22.58 12.72 11.42
C THR B 293 -23.96 13.10 10.86
N ARG B 294 -24.10 14.34 10.40
CA ARG B 294 -25.38 14.77 9.84
C ARG B 294 -25.77 13.91 8.63
N ARG B 295 -24.76 13.47 7.87
CA ARG B 295 -25.05 12.72 6.64
C ARG B 295 -25.65 11.37 6.96
N TRP B 296 -25.35 10.83 8.16
CA TRP B 296 -25.92 9.55 8.54
C TRP B 296 -27.44 9.62 8.70
N ILE B 297 -28.01 10.78 9.01
CA ILE B 297 -29.42 10.80 9.40
C ILE B 297 -30.27 10.12 8.34
N GLU B 298 -30.00 10.41 7.06
CA GLU B 298 -30.81 9.84 5.99
C GLU B 298 -30.64 8.31 5.92
N TYR B 299 -29.44 7.82 6.21
CA TYR B 299 -29.22 6.38 6.25
C TYR B 299 -30.00 5.75 7.39
N GLY B 300 -29.97 6.41 8.55
CA GLY B 300 -30.78 5.95 9.67
C GLY B 300 -32.25 5.86 9.33
N LYS B 301 -32.77 6.87 8.65
CA LYS B 301 -34.18 6.85 8.28
C LYS B 301 -34.50 5.66 7.39
N GLN B 302 -33.59 5.29 6.52
CA GLN B 302 -33.86 4.28 5.49
C GLN B 302 -33.30 2.91 5.84
N ALA B 303 -32.63 2.75 6.98
CA ALA B 303 -31.98 1.47 7.25
C ALA B 303 -33.01 0.35 7.29
N VAL B 304 -32.67 -0.79 6.67
CA VAL B 304 -33.54 -1.97 6.68
C VAL B 304 -33.11 -2.83 7.86
N LEU B 305 -34.05 -3.11 8.76
CA LEU B 305 -33.72 -3.64 10.07
C LEU B 305 -34.14 -5.10 10.20
N CYS B 306 -33.47 -5.80 11.10
CA CYS B 306 -33.80 -7.19 11.39
C CYS B 306 -35.24 -7.26 11.85
N SER B 307 -36.03 -8.08 11.14
CA SER B 307 -37.45 -8.28 11.37
C SER B 307 -37.78 -9.58 12.09
N CYS B 308 -36.81 -10.21 12.75
CA CYS B 308 -37.03 -11.51 13.36
C CYS B 308 -36.62 -11.56 14.83
N ARG B 309 -36.42 -10.39 15.45
CA ARG B 309 -36.12 -10.20 16.88
C ARG B 309 -34.78 -10.76 17.31
N LYS B 310 -33.95 -11.20 16.35
CA LYS B 310 -32.58 -11.68 16.61
C LYS B 310 -31.57 -10.54 16.77
N ASP B 311 -31.88 -9.33 16.31
CA ASP B 311 -31.01 -8.15 16.45
C ASP B 311 -31.93 -6.99 16.87
N MET B 312 -31.93 -6.67 18.17
CA MET B 312 -32.96 -5.83 18.77
C MET B 312 -32.68 -4.33 18.68
N VAL B 313 -31.60 -3.90 18.03
CA VAL B 313 -31.20 -2.50 18.14
C VAL B 313 -32.04 -1.66 17.17
N LYS B 314 -32.89 -0.81 17.74
CA LYS B 314 -33.67 0.13 16.95
C LYS B 314 -33.59 1.47 17.66
N ILE B 315 -33.12 2.48 16.95
CA ILE B 315 -33.02 3.85 17.44
C ILE B 315 -34.16 4.61 16.80
N SER B 316 -34.91 5.36 17.59
CA SER B 316 -35.88 6.29 17.00
C SER B 316 -35.16 7.43 16.29
N MET B 317 -35.50 7.65 15.02
CA MET B 317 -34.93 8.73 14.25
C MET B 317 -35.62 10.06 14.51
N ASP B 318 -36.72 10.03 15.26
CA ASP B 318 -37.57 11.18 15.40
C ASP B 318 -36.78 12.41 15.85
N VAL B 319 -35.89 12.26 16.82
CA VAL B 319 -35.17 13.41 17.33
C VAL B 319 -34.34 14.03 16.24
N PHE B 320 -33.67 13.20 15.41
CA PHE B 320 -32.78 13.71 14.36
C PHE B 320 -33.55 14.39 13.25
N VAL B 321 -34.67 13.82 12.83
CA VAL B 321 -35.47 14.48 11.80
C VAL B 321 -36.02 15.81 12.32
N ARG B 322 -36.61 15.78 13.51
CA ARG B 322 -37.12 17.01 14.12
C ARG B 322 -36.06 18.09 14.15
N LYS B 323 -34.84 17.74 14.54
CA LYS B 323 -33.84 18.77 14.80
C LYS B 323 -33.10 19.19 13.54
N PHE B 324 -32.77 18.26 12.66
CA PHE B 324 -31.95 18.58 11.50
C PHE B 324 -32.71 18.63 10.19
N GLN B 325 -33.95 18.15 10.16
CA GLN B 325 -34.75 18.14 8.93
C GLN B 325 -36.15 18.65 9.25
N PRO B 326 -36.25 19.81 9.92
CA PRO B 326 -37.57 20.32 10.29
C PRO B 326 -38.49 20.53 9.10
N GLU B 327 -37.92 20.83 7.93
CA GLU B 327 -38.73 21.02 6.75
C GLU B 327 -39.32 19.72 6.22
N ARG B 328 -38.81 18.58 6.68
CA ARG B 328 -39.33 17.30 6.24
C ARG B 328 -40.01 16.51 7.34
N TYR B 329 -39.99 17.02 8.57
CA TYR B 329 -40.46 16.26 9.72
C TYR B 329 -41.91 15.83 9.56
N LYS B 330 -42.79 16.76 9.21
CA LYS B 330 -44.20 16.45 9.08
C LYS B 330 -44.45 15.38 8.03
N LEU B 331 -43.86 15.54 6.84
CA LEU B 331 -43.91 14.51 5.82
C LEU B 331 -43.49 13.16 6.39
N TRP B 332 -42.29 13.13 6.97
CA TRP B 332 -41.68 11.87 7.38
C TRP B 332 -42.56 11.13 8.37
N LYS B 333 -43.13 11.86 9.34
CA LYS B 333 -44.01 11.19 10.29
C LYS B 333 -45.15 10.49 9.57
N ALA B 334 -45.58 11.08 8.45
CA ALA B 334 -46.64 10.56 7.62
C ALA B 334 -46.15 9.50 6.65
N GLY B 335 -44.90 9.07 6.78
CA GLY B 335 -44.34 8.15 5.80
C GLY B 335 -44.46 8.65 4.38
N LYS B 336 -44.20 9.93 4.16
CA LYS B 336 -44.25 10.52 2.82
C LYS B 336 -42.91 11.09 2.38
N ASP B 337 -41.82 10.80 3.08
CA ASP B 337 -40.50 11.29 2.72
C ASP B 337 -39.86 10.31 1.76
N ASN B 338 -39.55 10.77 0.55
CA ASN B 338 -38.96 9.95 -0.50
C ASN B 338 -37.58 10.46 -0.88
N THR B 339 -36.83 10.93 0.11
CA THR B 339 -35.45 11.30 -0.13
C THR B 339 -34.67 10.11 -0.65
N VAL B 340 -33.78 10.35 -1.61
CA VAL B 340 -32.93 9.30 -2.14
C VAL B 340 -31.50 9.58 -1.74
N ILE B 341 -30.77 8.54 -1.35
CA ILE B 341 -29.41 8.69 -0.88
C ILE B 341 -28.45 8.58 -2.06
N ASP B 342 -27.53 9.53 -2.15
CA ASP B 342 -26.39 9.47 -3.03
C ASP B 342 -25.16 9.12 -2.19
N HIS B 343 -24.72 7.85 -2.27
CA HIS B 343 -23.64 7.39 -1.40
C HIS B 343 -22.32 8.07 -1.69
N THR B 344 -22.22 8.81 -2.79
CA THR B 344 -20.95 9.47 -3.07
C THR B 344 -20.79 10.82 -2.36
N LEU B 345 -21.87 11.42 -1.87
CA LEU B 345 -21.76 12.78 -1.35
C LEU B 345 -21.09 12.79 0.01
N PRO B 346 -20.18 13.74 0.25
CA PRO B 346 -19.62 13.90 1.60
C PRO B 346 -20.65 14.51 2.55
N THR B 347 -20.36 14.38 3.84
CA THR B 347 -21.26 14.93 4.84
C THR B 347 -21.20 16.45 4.77
N PRO B 348 -22.32 17.12 5.11
CA PRO B 348 -22.36 18.60 4.98
C PRO B 348 -21.19 19.33 5.61
N GLU B 349 -20.69 18.85 6.76
CA GLU B 349 -19.66 19.58 7.48
C GLU B 349 -18.31 19.52 6.78
N ALA B 350 -18.17 18.74 5.69
CA ALA B 350 -16.96 18.75 4.87
C ALA B 350 -16.93 19.90 3.88
N ALA B 351 -18.00 20.69 3.78
CA ALA B 351 -18.06 21.79 2.83
C ALA B 351 -16.81 22.64 2.89
N GLU B 352 -16.37 22.98 4.09
CA GLU B 352 -15.22 23.87 4.28
C GLU B 352 -13.95 23.36 3.62
N PHE B 353 -13.89 22.09 3.22
CA PHE B 353 -12.68 21.53 2.62
C PHE B 353 -12.72 21.36 1.09
ZN ZN C . 3.22 -0.22 -24.07
NI NI D . 6.05 -6.67 3.30
NI NI E . 15.79 2.48 -13.81
C1 EDO F . 0.85 -1.83 -15.67
O1 EDO F . 0.58 -2.48 -16.92
C2 EDO F . 2.25 -2.19 -15.18
O2 EDO F . 3.23 -1.63 -16.08
C1 EDO G . 36.36 7.64 -22.61
O1 EDO G . 35.96 8.09 -21.33
C2 EDO G . 35.08 7.30 -23.37
O2 EDO G . 34.29 8.50 -23.49
C1 CIT H . 20.31 6.76 -12.86
O1 CIT H . 21.37 7.39 -12.75
O2 CIT H . 19.85 6.26 -11.83
C2 CIT H . 19.61 6.59 -14.20
C3 CIT H . 18.16 7.12 -14.32
O7 CIT H . 17.72 6.70 -15.63
C4 CIT H . 17.15 6.61 -13.30
C5 CIT H . 17.15 5.11 -13.27
O3 CIT H . 18.09 4.53 -12.72
O4 CIT H . 16.20 4.46 -13.76
C6 CIT H . 18.06 8.61 -14.22
O5 CIT H . 18.62 9.16 -13.25
O6 CIT H . 17.42 9.27 -15.07
C1 CIT I . 1.39 -7.51 -2.17
O1 CIT I . 2.47 -7.19 -2.68
O2 CIT I . 1.32 -7.26 -0.95
C2 CIT I . 0.27 -8.12 -3.00
C3 CIT I . -1.05 -8.36 -2.26
O7 CIT I . -0.91 -9.24 -1.08
C4 CIT I . -2.08 -8.86 -3.26
C5 CIT I . -3.28 -9.60 -2.69
O3 CIT I . -3.65 -9.46 -1.52
O4 CIT I . -3.94 -10.38 -3.42
C6 CIT I . -1.48 -6.99 -1.79
O5 CIT I . -1.46 -6.84 -0.54
O6 CIT I . -1.76 -6.09 -2.62
ZN ZN J . -33.36 -11.04 11.76
NI NI K . -18.83 -3.45 12.35
NI NI L . -0.27 -7.86 0.46
NA NA M . -16.06 18.53 16.91
C1 EDO N . -0.74 -6.54 26.63
O1 EDO N . -0.89 -6.62 28.06
C2 EDO N . -0.64 -7.98 26.16
O2 EDO N . -1.14 -8.77 27.26
C1 CIT O . -13.61 -3.83 15.52
O1 CIT O . -12.59 -3.60 16.21
O2 CIT O . -13.52 -3.50 14.34
C2 CIT O . -14.90 -4.44 16.06
C3 CIT O . -15.37 -5.73 15.38
O7 CIT O . -16.70 -6.09 15.87
C4 CIT O . -15.41 -5.68 13.89
C5 CIT O . -16.34 -4.57 13.43
O3 CIT O . -15.98 -3.39 13.47
O4 CIT O . -17.45 -4.86 12.98
C6 CIT O . -14.41 -6.88 15.63
O5 CIT O . -13.20 -6.63 15.39
O6 CIT O . -14.81 -8.01 16.05
CAA ENZ P . -3.06 -10.28 1.48
CAC ENZ P . -0.67 -6.32 2.91
CAD ENZ P . -0.49 -5.33 3.87
CAF ENZ P . 0.62 -4.50 3.82
CAG ENZ P . 1.34 -5.57 1.82
CAH ENZ P . 1.56 -4.61 2.80
CAK ENZ P . -2.87 -7.31 3.58
CAL ENZ P . -2.75 -9.01 2.29
CAM ENZ P . -3.59 -8.34 3.04
CAN ENZ P . -4.77 -8.76 3.57
CAO ENZ P . -5.19 -10.10 3.57
CAP ENZ P . -5.72 -7.78 3.85
CAQ ENZ P . -6.44 -10.48 4.07
CAR ENZ P . -7.00 -8.14 4.30
CAS ENZ P . -7.38 -9.48 4.42
NAE ENZ P . 0.22 -6.40 1.88
NAI ENZ P . -1.73 -7.17 2.86
NAJ ENZ P . -1.65 -8.29 2.11
OAB ENZ P . -3.29 -6.37 4.48
#